data_4R3N
#
_entry.id   4R3N
#
_cell.length_a   59.536
_cell.length_b   97.658
_cell.length_c   63.978
_cell.angle_alpha   90.00
_cell.angle_beta   102.55
_cell.angle_gamma   90.00
#
_symmetry.space_group_name_H-M   'P 1 21 1'
#
loop_
_entity.id
_entity.type
_entity.pdbx_description
1 polymer 'Aspartate-semialdehyde dehydrogenase'
2 non-polymer 'SODIUM ION'
3 non-polymer 'NADP NICOTINAMIDE-ADENINE-DINUCLEOTIDE PHOSPHATE'
4 non-polymer 'benzene-1,2,3-tricarboxylic acid'
5 non-polymer 1,2-ETHANEDIOL
6 non-polymer 'ACETATE ION'
7 water water
#
_entity_poly.entity_id   1
_entity_poly.type   'polypeptide(L)'
_entity_poly.pdbx_seq_one_letter_code
;MGYTVAVVGATGAVGAQMIKMLEESTLPIDKIRYLASARSAGKSLKFKDQDITIEETTETAFEGVDIALFSAGSSTSAKY
APYAVKAGVVVVDNTSYFRQNPDVPLVVPEVNAHALDAHNGIIACPNCSTIQMMVALEPVRQKWGLDRIIVSTYQAVSGA
GMGAILETQRELREVLNDGVKPCDLHAEILPSGGDKKHYPIAFNALPQIDVFTDNDYTYEEMKMTKETKKIMEDDSIAVS
ATCVRIPVLSAHSESVYIETKEVAPIEEVKAAIAAFPGAVLEDDVAHQIYPQAINAVGSRDTFVGRIRKDLDAEKGIHMW
VVSDNLLKGAAWNSVQIAETLHERGLVRPTAELKFELKLEHHHHHH
;
_entity_poly.pdbx_strand_id   A,B
#
# COMPACT_ATOMS: atom_id res chain seq x y z
N GLY A 2 -31.31 -18.49 26.51
CA GLY A 2 -30.35 -18.01 25.49
C GLY A 2 -31.04 -17.55 24.24
N TYR A 3 -30.24 -17.29 23.22
CA TYR A 3 -30.73 -16.73 21.97
C TYR A 3 -30.76 -17.72 20.84
N THR A 4 -31.67 -17.47 19.90
CA THR A 4 -31.56 -18.02 18.56
C THR A 4 -30.82 -17.02 17.67
N VAL A 5 -29.69 -17.47 17.10
CA VAL A 5 -28.84 -16.59 16.29
C VAL A 5 -28.77 -17.13 14.88
N ALA A 6 -28.98 -16.24 13.90
CA ALA A 6 -28.86 -16.58 12.48
C ALA A 6 -27.64 -15.89 11.88
N VAL A 7 -26.90 -16.63 11.06
CA VAL A 7 -25.80 -16.06 10.28
C VAL A 7 -26.23 -16.09 8.82
N VAL A 8 -26.39 -14.91 8.23
CA VAL A 8 -26.79 -14.75 6.82
C VAL A 8 -25.51 -14.55 6.00
N GLY A 9 -25.26 -15.46 5.07
CA GLY A 9 -23.99 -15.53 4.36
C GLY A 9 -23.01 -16.42 5.09
N ALA A 10 -23.49 -17.54 5.62
CA ALA A 10 -22.67 -18.41 6.48
C ALA A 10 -21.56 -19.13 5.74
N THR A 11 -21.70 -19.27 4.43
CA THR A 11 -20.85 -20.13 3.62
C THR A 11 -19.66 -19.41 2.97
N GLY A 12 -19.56 -18.10 3.13
CA GLY A 12 -18.47 -17.37 2.48
C GLY A 12 -17.32 -17.05 3.41
N ALA A 13 -16.48 -16.11 2.96
CA ALA A 13 -15.26 -15.76 3.69
C ALA A 13 -15.59 -15.17 5.06
N VAL A 14 -16.45 -14.16 5.09
CA VAL A 14 -16.80 -13.55 6.37
C VAL A 14 -17.60 -14.56 7.22
N GLY A 15 -18.53 -15.28 6.58
CA GLY A 15 -19.38 -16.22 7.30
C GLY A 15 -18.60 -17.26 8.06
N ALA A 16 -17.52 -17.76 7.48
CA ALA A 16 -16.67 -18.75 8.17
C ALA A 16 -16.11 -18.16 9.45
N GLN A 17 -15.75 -16.88 9.40
CA GLN A 17 -15.21 -16.22 10.59
C GLN A 17 -16.32 -15.84 11.57
N MET A 18 -17.50 -15.51 11.06
CA MET A 18 -18.64 -15.28 11.97
CA MET A 18 -18.67 -15.28 11.95
C MET A 18 -18.95 -16.54 12.77
N ILE A 19 -18.87 -17.69 12.12
CA ILE A 19 -19.07 -18.96 12.83
C ILE A 19 -18.02 -19.11 13.93
N LYS A 20 -16.75 -18.95 13.58
CA LYS A 20 -15.68 -19.05 14.56
C LYS A 20 -15.85 -18.07 15.72
N MET A 21 -16.14 -16.82 15.39
CA MET A 21 -16.32 -15.80 16.43
C MET A 21 -17.54 -16.10 17.31
N LEU A 22 -18.61 -16.65 16.74
CA LEU A 22 -19.77 -17.03 17.57
C LEU A 22 -19.46 -18.25 18.44
N GLU A 23 -18.74 -19.23 17.89
CA GLU A 23 -18.36 -20.42 18.67
C GLU A 23 -17.54 -19.99 19.91
N GLU A 24 -16.78 -18.91 19.77
CA GLU A 24 -15.88 -18.40 20.82
C GLU A 24 -16.50 -17.27 21.63
N SER A 25 -17.76 -16.93 21.35
CA SER A 25 -18.39 -15.76 21.95
C SER A 25 -18.95 -16.03 23.36
N THR A 26 -19.25 -14.94 24.02
CA THR A 26 -19.94 -14.93 25.30
C THR A 26 -21.46 -14.80 25.17
N LEU A 27 -22.00 -14.87 23.95
CA LEU A 27 -23.45 -14.93 23.79
C LEU A 27 -23.95 -16.28 24.28
N PRO A 28 -25.06 -16.25 25.03
CA PRO A 28 -25.71 -17.51 25.37
C PRO A 28 -26.55 -17.95 24.16
N ILE A 29 -26.05 -18.93 23.43
CA ILE A 29 -26.71 -19.38 22.20
C ILE A 29 -27.44 -20.72 22.41
N ASP A 30 -28.77 -20.70 22.33
CA ASP A 30 -29.58 -21.92 22.39
C ASP A 30 -29.75 -22.59 21.03
N LYS A 31 -29.71 -21.80 19.95
CA LYS A 31 -30.01 -22.34 18.62
C LYS A 31 -29.29 -21.48 17.59
N ILE A 32 -28.64 -22.14 16.63
CA ILE A 32 -27.94 -21.48 15.53
C ILE A 32 -28.65 -21.83 14.25
N ARG A 33 -28.83 -20.83 13.39
CA ARG A 33 -29.28 -21.06 12.01
C ARG A 33 -28.29 -20.46 11.03
N TYR A 34 -28.03 -21.19 9.96
CA TYR A 34 -27.15 -20.71 8.90
C TYR A 34 -27.95 -20.49 7.65
N LEU A 35 -27.86 -19.28 7.13
CA LEU A 35 -28.61 -18.89 5.93
C LEU A 35 -27.63 -18.49 4.81
N ALA A 36 -27.99 -18.84 3.59
CA ALA A 36 -27.21 -18.44 2.43
C ALA A 36 -28.12 -18.45 1.21
N SER A 37 -27.59 -18.74 0.02
CA SER A 37 -28.43 -18.77 -1.16
C SER A 37 -29.15 -20.11 -1.26
N ALA A 38 -30.09 -20.19 -2.19
CA ALA A 38 -30.77 -21.42 -2.50
C ALA A 38 -29.81 -22.53 -2.94
N ARG A 39 -28.71 -22.17 -3.61
CA ARG A 39 -27.72 -23.17 -4.02
C ARG A 39 -27.18 -23.91 -2.81
N SER A 40 -26.91 -23.17 -1.74
CA SER A 40 -26.34 -23.78 -0.51
C SER A 40 -27.39 -24.42 0.37
N ALA A 41 -28.64 -23.98 0.25
CA ALA A 41 -29.72 -24.51 1.09
C ALA A 41 -29.80 -26.01 0.91
N GLY A 42 -29.90 -26.71 2.03
CA GLY A 42 -29.95 -28.16 2.03
C GLY A 42 -28.62 -28.82 2.34
N LYS A 43 -27.52 -28.07 2.20
CA LYS A 43 -26.19 -28.54 2.59
C LYS A 43 -25.98 -28.31 4.09
N SER A 44 -24.83 -28.72 4.62
CA SER A 44 -24.58 -28.73 6.05
C SER A 44 -23.24 -28.08 6.38
N LEU A 45 -23.19 -27.35 7.49
CA LEU A 45 -21.93 -26.84 8.06
C LEU A 45 -21.99 -27.05 9.56
N LYS A 46 -20.82 -27.14 10.18
CA LYS A 46 -20.74 -27.34 11.62
C LYS A 46 -20.92 -26.06 12.43
N PHE A 47 -21.53 -26.22 13.61
CA PHE A 47 -21.35 -25.28 14.70
C PHE A 47 -20.85 -26.13 15.87
N LYS A 48 -19.60 -25.88 16.27
CA LYS A 48 -18.87 -26.76 17.18
C LYS A 48 -18.94 -28.18 16.61
N ASP A 49 -19.55 -29.11 17.34
CA ASP A 49 -19.66 -30.50 16.90
C ASP A 49 -20.97 -30.81 16.17
N GLN A 50 -21.89 -29.84 16.12
CA GLN A 50 -23.25 -30.08 15.61
C GLN A 50 -23.32 -29.76 14.11
N ASP A 51 -24.00 -30.61 13.36
CA ASP A 51 -24.26 -30.30 11.97
C ASP A 51 -25.49 -29.42 11.88
N ILE A 52 -25.35 -28.33 11.12
CA ILE A 52 -26.38 -27.33 10.92
C ILE A 52 -26.77 -27.35 9.44
N THR A 53 -28.05 -27.50 9.15
CA THR A 53 -28.55 -27.48 7.79
C THR A 53 -28.67 -26.05 7.31
N ILE A 54 -28.02 -25.75 6.21
CA ILE A 54 -28.10 -24.42 5.65
C ILE A 54 -29.47 -24.16 5.03
N GLU A 55 -29.99 -22.95 5.27
CA GLU A 55 -31.27 -22.52 4.78
C GLU A 55 -31.14 -21.41 3.74
N GLU A 56 -32.15 -21.34 2.89
CA GLU A 56 -32.29 -20.24 1.95
C GLU A 56 -32.65 -18.96 2.70
N THR A 57 -32.03 -17.85 2.32
CA THR A 57 -32.41 -16.54 2.87
C THR A 57 -33.70 -16.07 2.18
N THR A 58 -34.76 -15.90 2.96
CA THR A 58 -36.09 -15.48 2.44
C THR A 58 -36.74 -14.54 3.45
N GLU A 59 -37.84 -13.90 3.05
CA GLU A 59 -38.58 -13.00 3.94
C GLU A 59 -39.12 -13.73 5.16
N THR A 60 -39.33 -15.04 5.03
CA THR A 60 -39.91 -15.91 6.06
C THR A 60 -38.90 -16.79 6.81
N ALA A 61 -37.60 -16.55 6.63
CA ALA A 61 -36.54 -17.36 7.27
C ALA A 61 -36.11 -16.92 8.69
N PHE A 62 -36.77 -15.92 9.24
CA PHE A 62 -36.32 -15.28 10.50
C PHE A 62 -37.26 -15.50 11.68
N GLU A 63 -38.26 -16.35 11.48
CA GLU A 63 -39.23 -16.61 12.55
C GLU A 63 -38.50 -17.24 13.74
N GLY A 64 -38.68 -16.66 14.93
CA GLY A 64 -38.07 -17.16 16.14
C GLY A 64 -36.63 -16.73 16.38
N VAL A 65 -36.05 -15.96 15.46
CA VAL A 65 -34.65 -15.53 15.59
C VAL A 65 -34.57 -14.28 16.45
N ASP A 66 -33.63 -14.28 17.41
CA ASP A 66 -33.39 -13.10 18.26
C ASP A 66 -32.41 -12.13 17.64
N ILE A 67 -31.33 -12.69 17.09
CA ILE A 67 -30.23 -11.87 16.55
C ILE A 67 -29.83 -12.47 15.20
N ALA A 68 -29.71 -11.62 14.18
CA ALA A 68 -29.20 -12.07 12.89
C ALA A 68 -27.99 -11.22 12.48
N LEU A 69 -26.92 -11.90 12.10
CA LEU A 69 -25.70 -11.25 11.61
C LEU A 69 -25.73 -11.40 10.09
N PHE A 70 -25.81 -10.28 9.37
CA PHE A 70 -25.88 -10.33 7.90
C PHE A 70 -24.53 -10.03 7.28
N SER A 71 -24.08 -10.95 6.43
CA SER A 71 -22.85 -10.72 5.66
C SER A 71 -22.92 -11.41 4.31
N ALA A 72 -23.93 -11.03 3.53
CA ALA A 72 -24.21 -11.64 2.25
C ALA A 72 -24.38 -10.63 1.09
N GLY A 73 -23.90 -9.42 1.29
CA GLY A 73 -23.95 -8.39 0.25
C GLY A 73 -25.00 -7.35 0.54
N SER A 74 -24.74 -6.12 0.13
CA SER A 74 -25.65 -5.02 0.40
CA SER A 74 -25.64 -5.02 0.41
C SER A 74 -27.05 -5.25 -0.13
N SER A 75 -27.15 -5.87 -1.31
N SER A 75 -27.17 -5.86 -1.31
CA SER A 75 -28.43 -6.15 -1.92
CA SER A 75 -28.48 -6.10 -1.88
C SER A 75 -29.27 -7.10 -1.06
C SER A 75 -29.29 -7.09 -1.04
N THR A 76 -28.62 -8.15 -0.54
CA THR A 76 -29.29 -9.13 0.33
C THR A 76 -29.78 -8.49 1.63
N SER A 77 -28.97 -7.60 2.20
CA SER A 77 -29.40 -6.88 3.37
C SER A 77 -30.57 -5.93 3.09
N ALA A 78 -30.49 -5.18 1.99
CA ALA A 78 -31.56 -4.25 1.62
C ALA A 78 -32.90 -5.00 1.51
N LYS A 79 -32.83 -6.20 0.94
CA LYS A 79 -34.00 -6.99 0.62
C LYS A 79 -34.58 -7.69 1.86
N TYR A 80 -33.71 -8.25 2.71
CA TYR A 80 -34.20 -9.15 3.79
C TYR A 80 -34.06 -8.59 5.20
N ALA A 81 -33.10 -7.71 5.47
CA ALA A 81 -32.97 -7.21 6.84
C ALA A 81 -34.28 -6.56 7.36
N PRO A 82 -34.99 -5.79 6.51
CA PRO A 82 -36.21 -5.16 7.01
C PRO A 82 -37.30 -6.21 7.39
N TYR A 83 -37.35 -7.32 6.67
CA TYR A 83 -38.23 -8.42 7.04
C TYR A 83 -37.83 -9.07 8.35
N ALA A 84 -36.53 -9.21 8.60
CA ALA A 84 -36.08 -9.73 9.88
C ALA A 84 -36.48 -8.77 11.01
N VAL A 85 -36.33 -7.46 10.80
CA VAL A 85 -36.74 -6.49 11.81
C VAL A 85 -38.26 -6.63 12.07
N LYS A 86 -39.04 -6.77 10.99
CA LYS A 86 -40.47 -6.93 11.12
C LYS A 86 -40.83 -8.21 11.91
N ALA A 87 -40.00 -9.23 11.81
CA ALA A 87 -40.24 -10.50 12.55
C ALA A 87 -39.81 -10.40 14.03
N GLY A 88 -39.21 -9.28 14.42
CA GLY A 88 -38.75 -9.02 15.79
C GLY A 88 -37.28 -9.28 16.05
N VAL A 89 -36.50 -9.48 14.98
CA VAL A 89 -35.06 -9.77 15.08
C VAL A 89 -34.30 -8.46 15.28
N VAL A 90 -33.23 -8.52 16.05
CA VAL A 90 -32.22 -7.47 16.02
C VAL A 90 -31.11 -7.88 15.06
N VAL A 91 -30.89 -7.02 14.06
CA VAL A 91 -29.98 -7.28 12.96
C VAL A 91 -28.67 -6.53 13.18
N VAL A 92 -27.57 -7.25 13.06
CA VAL A 92 -26.24 -6.63 12.96
C VAL A 92 -25.84 -6.82 11.51
N ASP A 93 -25.79 -5.70 10.78
CA ASP A 93 -25.59 -5.74 9.34
C ASP A 93 -24.16 -5.38 8.99
N ASN A 94 -23.46 -6.36 8.43
CA ASN A 94 -22.11 -6.16 7.96
C ASN A 94 -22.03 -5.81 6.47
N THR A 95 -22.86 -4.92 6.02
CA THR A 95 -22.80 -4.41 4.66
C THR A 95 -22.89 -2.89 4.74
N SER A 96 -22.66 -2.26 3.59
CA SER A 96 -22.74 -0.82 3.51
C SER A 96 -24.16 -0.27 3.47
N TYR A 97 -25.17 -1.13 3.26
CA TYR A 97 -26.47 -0.61 2.80
C TYR A 97 -27.10 0.41 3.74
N PHE A 98 -27.10 0.09 5.04
CA PHE A 98 -27.79 0.91 6.03
C PHE A 98 -26.86 1.84 6.80
N ARG A 99 -25.57 1.92 6.42
CA ARG A 99 -24.62 2.60 7.27
C ARG A 99 -24.87 4.08 7.46
N GLN A 100 -25.38 4.71 6.40
CA GLN A 100 -25.67 6.16 6.42
C GLN A 100 -27.14 6.49 6.66
N ASN A 101 -27.91 5.51 7.12
CA ASN A 101 -29.29 5.74 7.51
C ASN A 101 -29.31 6.32 8.92
N PRO A 102 -29.97 7.48 9.10
CA PRO A 102 -29.91 8.14 10.41
C PRO A 102 -30.60 7.40 11.54
N ASP A 103 -31.43 6.42 11.19
CA ASP A 103 -32.07 5.55 12.20
C ASP A 103 -31.22 4.33 12.57
N VAL A 104 -30.00 4.26 12.02
CA VAL A 104 -29.11 3.09 12.19
C VAL A 104 -27.81 3.50 12.87
N PRO A 105 -27.56 2.99 14.07
CA PRO A 105 -26.24 3.19 14.66
C PRO A 105 -25.16 2.49 13.85
N LEU A 106 -24.02 3.16 13.68
CA LEU A 106 -22.89 2.63 12.91
C LEU A 106 -21.77 2.49 13.91
N VAL A 107 -21.50 1.25 14.36
CA VAL A 107 -20.80 1.11 15.64
C VAL A 107 -19.50 0.32 15.58
N VAL A 108 -18.52 0.87 16.30
CA VAL A 108 -17.31 0.16 16.71
C VAL A 108 -17.38 0.20 18.24
N PRO A 109 -17.60 -0.97 18.90
CA PRO A 109 -17.98 -0.89 20.31
C PRO A 109 -17.05 -0.10 21.24
N GLU A 110 -15.74 -0.11 20.98
CA GLU A 110 -14.81 0.60 21.84
C GLU A 110 -14.92 2.11 21.67
N VAL A 111 -15.48 2.55 20.55
CA VAL A 111 -15.52 3.96 20.15
C VAL A 111 -16.87 4.61 20.49
N ASN A 112 -17.98 3.96 20.09
CA ASN A 112 -19.29 4.60 20.18
C ASN A 112 -20.41 3.63 20.54
N ALA A 113 -20.13 2.76 21.50
CA ALA A 113 -21.15 1.82 21.98
C ALA A 113 -22.45 2.51 22.41
N HIS A 114 -22.36 3.73 22.95
CA HIS A 114 -23.57 4.47 23.38
C HIS A 114 -24.59 4.60 22.25
N ALA A 115 -24.13 4.66 21.00
CA ALA A 115 -25.06 4.81 19.86
C ALA A 115 -26.02 3.61 19.74
N LEU A 116 -25.63 2.46 20.30
CA LEU A 116 -26.51 1.27 20.27
C LEU A 116 -27.83 1.50 20.98
N ASP A 117 -27.83 2.40 21.94
CA ASP A 117 -29.00 2.56 22.84
C ASP A 117 -30.25 3.02 22.06
N ALA A 118 -30.01 3.69 20.93
CA ALA A 118 -31.05 4.29 20.10
C ALA A 118 -31.47 3.43 18.92
N HIS A 119 -31.09 2.16 18.90
CA HIS A 119 -31.33 1.37 17.71
C HIS A 119 -32.84 1.08 17.46
N ASN A 120 -33.12 0.85 16.20
CA ASN A 120 -34.46 0.56 15.67
C ASN A 120 -34.49 -0.79 14.98
N GLY A 121 -33.64 -1.71 15.47
CA GLY A 121 -33.62 -3.06 14.95
C GLY A 121 -32.45 -3.39 14.03
N ILE A 122 -31.74 -2.38 13.51
CA ILE A 122 -30.56 -2.61 12.72
C ILE A 122 -29.39 -1.83 13.29
N ILE A 123 -28.29 -2.53 13.47
CA ILE A 123 -27.03 -1.91 13.85
C ILE A 123 -26.03 -2.27 12.74
N ALA A 124 -25.41 -1.25 12.15
CA ALA A 124 -24.46 -1.48 11.08
C ALA A 124 -23.02 -1.59 11.60
N CYS A 125 -22.32 -2.60 11.07
CA CYS A 125 -20.89 -2.73 11.22
C CYS A 125 -20.26 -1.88 10.09
N PRO A 126 -19.26 -1.04 10.43
CA PRO A 126 -18.58 -0.24 9.36
C PRO A 126 -17.73 -1.11 8.42
N ASN A 127 -17.22 -0.47 7.38
CA ASN A 127 -16.25 -1.14 6.52
C ASN A 127 -14.97 -1.44 7.32
N CYS A 128 -14.33 -2.55 6.94
CA CYS A 128 -13.11 -3.02 7.61
C CYS A 128 -12.01 -1.97 7.70
N SER A 129 -11.77 -1.25 6.59
CA SER A 129 -10.74 -0.21 6.61
C SER A 129 -11.05 0.90 7.60
N THR A 130 -12.33 1.26 7.69
CA THR A 130 -12.74 2.28 8.63
C THR A 130 -12.58 1.80 10.06
N ILE A 131 -12.99 0.54 10.34
CA ILE A 131 -12.99 0.09 11.70
C ILE A 131 -11.61 0.17 12.33
N GLN A 132 -10.59 -0.37 11.63
CA GLN A 132 -9.29 -0.39 12.23
C GLN A 132 -8.73 1.00 12.42
N MET A 133 -9.03 1.89 11.47
CA MET A 133 -8.59 3.26 11.62
C MET A 133 -9.25 3.97 12.81
N MET A 134 -10.53 3.66 13.07
CA MET A 134 -11.23 4.24 14.24
C MET A 134 -10.69 3.73 15.57
N VAL A 135 -10.30 2.46 15.61
CA VAL A 135 -9.70 1.92 16.84
C VAL A 135 -8.38 2.64 17.13
N ALA A 136 -7.60 2.91 16.07
CA ALA A 136 -6.30 3.58 16.27
C ALA A 136 -6.44 5.06 16.64
N LEU A 137 -7.45 5.72 16.05
CA LEU A 137 -7.55 7.16 16.11
C LEU A 137 -8.44 7.70 17.21
N GLU A 138 -9.43 6.91 17.65
CA GLU A 138 -10.32 7.39 18.72
C GLU A 138 -9.55 7.83 19.97
N PRO A 139 -8.54 7.07 20.44
CA PRO A 139 -7.85 7.58 21.64
C PRO A 139 -7.13 8.90 21.45
N VAL A 140 -6.69 9.15 20.22
CA VAL A 140 -6.08 10.44 19.88
C VAL A 140 -7.15 11.54 19.86
N ARG A 141 -8.25 11.28 19.17
CA ARG A 141 -9.33 12.25 19.10
C ARG A 141 -9.82 12.68 20.47
N GLN A 142 -9.98 11.71 21.37
CA GLN A 142 -10.48 11.98 22.73
C GLN A 142 -9.64 13.00 23.49
N LYS A 143 -8.33 13.00 23.24
CA LYS A 143 -7.42 13.81 24.03
C LYS A 143 -7.00 15.11 23.33
N TRP A 144 -6.77 15.01 22.02
CA TRP A 144 -6.20 16.13 21.28
C TRP A 144 -7.01 16.57 20.08
N GLY A 145 -8.12 15.88 19.82
CA GLY A 145 -8.98 16.18 18.70
C GLY A 145 -8.41 15.74 17.36
N LEU A 146 -9.26 15.72 16.35
CA LEU A 146 -8.84 15.44 14.98
C LEU A 146 -9.37 16.52 14.06
N ASP A 147 -8.46 17.14 13.30
CA ASP A 147 -8.82 18.11 12.29
C ASP A 147 -8.99 17.44 10.91
N ARG A 148 -8.04 16.59 10.55
CA ARG A 148 -8.09 15.92 9.26
C ARG A 148 -7.35 14.59 9.31
N ILE A 149 -7.69 13.75 8.33
CA ILE A 149 -7.09 12.45 8.10
C ILE A 149 -6.83 12.33 6.60
N ILE A 150 -5.61 11.89 6.26
CA ILE A 150 -5.29 11.44 4.89
C ILE A 150 -4.80 10.00 5.06
N VAL A 151 -5.40 9.07 4.33
CA VAL A 151 -5.03 7.66 4.49
C VAL A 151 -4.84 7.00 3.13
N SER A 152 -3.82 6.17 3.09
CA SER A 152 -3.56 5.30 1.95
C SER A 152 -3.58 3.85 2.48
N THR A 153 -4.41 3.01 1.87
CA THR A 153 -4.59 1.66 2.37
C THR A 153 -3.88 0.62 1.51
N TYR A 154 -3.63 -0.53 2.13
CA TYR A 154 -2.89 -1.66 1.58
C TYR A 154 -3.75 -2.88 1.92
N GLN A 155 -4.74 -3.16 1.08
CA GLN A 155 -5.84 -4.06 1.46
C GLN A 155 -5.66 -5.46 0.91
N ALA A 156 -5.88 -6.43 1.77
CA ALA A 156 -5.81 -7.83 1.47
C ALA A 156 -6.96 -8.29 0.59
N VAL A 157 -6.69 -9.35 -0.17
CA VAL A 157 -7.68 -9.86 -1.08
C VAL A 157 -8.89 -10.53 -0.41
N SER A 158 -8.71 -11.03 0.81
CA SER A 158 -9.85 -11.70 1.47
C SER A 158 -11.02 -10.76 1.67
N GLY A 159 -10.74 -9.45 1.68
CA GLY A 159 -11.79 -8.46 1.76
C GLY A 159 -12.80 -8.52 0.63
N ALA A 160 -12.40 -9.13 -0.48
CA ALA A 160 -13.23 -9.20 -1.67
C ALA A 160 -13.90 -10.56 -1.84
N GLY A 161 -13.74 -11.45 -0.87
CA GLY A 161 -14.48 -12.72 -0.83
C GLY A 161 -13.70 -13.95 -1.23
N MET A 162 -14.32 -15.12 -1.07
CA MET A 162 -13.64 -16.37 -1.35
C MET A 162 -13.13 -16.44 -2.79
N GLY A 163 -13.95 -16.00 -3.73
CA GLY A 163 -13.57 -16.06 -5.13
C GLY A 163 -12.28 -15.27 -5.39
N ALA A 164 -12.17 -14.11 -4.75
CA ALA A 164 -11.00 -13.25 -4.90
C ALA A 164 -9.75 -13.89 -4.30
N ILE A 165 -9.92 -14.61 -3.19
CA ILE A 165 -8.81 -15.37 -2.58
C ILE A 165 -8.32 -16.44 -3.55
N LEU A 166 -9.27 -17.21 -4.08
CA LEU A 166 -8.94 -18.29 -5.00
C LEU A 166 -8.30 -17.75 -6.30
N GLU A 167 -8.82 -16.63 -6.80
CA GLU A 167 -8.26 -15.99 -8.01
C GLU A 167 -6.82 -15.58 -7.75
N THR A 168 -6.54 -15.02 -6.58
CA THR A 168 -5.20 -14.56 -6.23
C THR A 168 -4.22 -15.74 -6.16
N GLN A 169 -4.65 -16.81 -5.48
CA GLN A 169 -3.82 -18.01 -5.37
C GLN A 169 -3.54 -18.63 -6.74
N ARG A 170 -4.57 -18.73 -7.56
CA ARG A 170 -4.41 -19.27 -8.91
C ARG A 170 -3.44 -18.47 -9.76
N GLU A 171 -3.63 -17.15 -9.74
CA GLU A 171 -2.74 -16.26 -10.50
C GLU A 171 -1.29 -16.41 -10.06
N LEU A 172 -1.04 -16.41 -8.75
CA LEU A 172 0.33 -16.54 -8.27
C LEU A 172 0.93 -17.87 -8.64
N ARG A 173 0.14 -18.94 -8.58
CA ARG A 173 0.65 -20.25 -9.02
C ARG A 173 0.96 -20.27 -10.51
N GLU A 174 0.10 -19.65 -11.32
CA GLU A 174 0.35 -19.56 -12.76
C GLU A 174 1.66 -18.83 -13.05
N VAL A 175 1.95 -17.77 -12.30
CA VAL A 175 3.21 -17.06 -12.49
C VAL A 175 4.41 -17.87 -12.03
N LEU A 176 4.34 -18.31 -10.77
CA LEU A 176 5.48 -18.93 -10.09
C LEU A 176 5.75 -20.37 -10.50
N ASN A 177 4.72 -21.11 -10.87
CA ASN A 177 4.87 -22.51 -11.25
C ASN A 177 4.81 -22.76 -12.77
N ASP A 178 4.04 -21.95 -13.50
CA ASP A 178 3.86 -22.15 -14.92
C ASP A 178 4.57 -21.12 -15.78
N GLY A 179 5.15 -20.10 -15.15
CA GLY A 179 5.91 -19.09 -15.89
C GLY A 179 5.10 -18.09 -16.69
N VAL A 180 3.83 -17.88 -16.32
CA VAL A 180 3.00 -16.87 -16.97
C VAL A 180 3.46 -15.47 -16.53
N LYS A 181 3.57 -14.53 -17.47
CA LYS A 181 3.89 -13.15 -17.10
C LYS A 181 2.66 -12.54 -16.41
N PRO A 182 2.86 -11.76 -15.34
CA PRO A 182 1.68 -11.20 -14.69
C PRO A 182 0.72 -10.44 -15.63
N CYS A 183 1.24 -9.69 -16.60
CA CYS A 183 0.37 -8.95 -17.49
CA CYS A 183 0.44 -9.00 -17.59
C CYS A 183 -0.43 -9.85 -18.46
N ASP A 184 -0.05 -11.12 -18.56
CA ASP A 184 -0.75 -12.09 -19.40
C ASP A 184 -1.79 -12.88 -18.64
N LEU A 185 -1.92 -12.64 -17.34
CA LEU A 185 -2.90 -13.38 -16.54
C LEU A 185 -4.33 -12.99 -16.88
N HIS A 186 -5.25 -13.96 -16.81
CA HIS A 186 -6.67 -13.72 -16.97
C HIS A 186 -7.28 -13.56 -15.55
N ALA A 187 -7.98 -12.46 -15.34
CA ALA A 187 -8.70 -12.20 -14.10
C ALA A 187 -10.19 -12.12 -14.38
N GLU A 188 -10.99 -12.47 -13.38
CA GLU A 188 -12.44 -12.47 -13.47
C GLU A 188 -13.14 -11.66 -12.40
N ILE A 189 -12.45 -11.39 -11.30
CA ILE A 189 -13.11 -10.78 -10.11
C ILE A 189 -12.51 -9.41 -9.76
N LEU A 190 -11.23 -9.38 -9.42
CA LEU A 190 -10.60 -8.15 -8.97
C LEU A 190 -10.39 -7.19 -10.16
N PRO A 191 -10.39 -5.89 -9.90
CA PRO A 191 -10.49 -5.26 -8.57
C PRO A 191 -11.89 -5.24 -7.96
N SER A 192 -12.93 -5.31 -8.78
CA SER A 192 -14.30 -5.23 -8.32
C SER A 192 -15.19 -6.16 -9.14
N GLY A 193 -15.85 -7.07 -8.44
CA GLY A 193 -16.69 -8.04 -9.11
C GLY A 193 -17.79 -7.40 -9.93
N GLY A 194 -18.33 -6.29 -9.43
CA GLY A 194 -19.41 -5.58 -10.09
C GLY A 194 -19.01 -4.64 -11.21
N ASP A 195 -17.72 -4.48 -11.45
CA ASP A 195 -17.28 -3.55 -12.48
C ASP A 195 -17.00 -4.33 -13.76
N LYS A 196 -16.74 -3.59 -14.84
CA LYS A 196 -16.72 -4.12 -16.18
C LYS A 196 -15.40 -4.81 -16.57
N LYS A 197 -14.29 -4.26 -16.10
CA LYS A 197 -12.96 -4.79 -16.43
C LYS A 197 -12.30 -5.39 -15.20
N HIS A 198 -11.57 -6.50 -15.41
CA HIS A 198 -10.89 -7.19 -14.33
C HIS A 198 -9.41 -7.29 -14.65
N TYR A 199 -8.60 -7.10 -13.60
CA TYR A 199 -7.15 -7.05 -13.74
C TYR A 199 -6.47 -8.01 -12.78
N PRO A 200 -5.28 -8.49 -13.15
CA PRO A 200 -4.54 -9.35 -12.22
C PRO A 200 -4.13 -8.60 -10.95
N ILE A 201 -4.11 -9.33 -9.84
CA ILE A 201 -3.55 -8.83 -8.59
C ILE A 201 -2.13 -9.36 -8.32
N ALA A 202 -1.77 -10.50 -8.90
CA ALA A 202 -0.48 -11.12 -8.64
C ALA A 202 0.62 -10.13 -9.00
N PHE A 203 1.50 -9.87 -8.04
CA PHE A 203 2.65 -8.98 -8.25
C PHE A 203 2.21 -7.60 -8.71
N ASN A 204 1.06 -7.15 -8.24
CA ASN A 204 0.47 -5.88 -8.66
C ASN A 204 -0.05 -5.08 -7.49
N ALA A 205 -0.35 -3.81 -7.73
CA ALA A 205 -1.03 -2.97 -6.76
C ALA A 205 -2.12 -2.25 -7.48
N LEU A 206 -3.37 -2.53 -7.15
CA LEU A 206 -4.51 -1.99 -7.87
C LEU A 206 -5.17 -0.86 -7.10
N PRO A 207 -5.08 0.37 -7.58
CA PRO A 207 -5.69 1.52 -6.85
C PRO A 207 -7.19 1.66 -7.13
N GLN A 208 -7.90 0.55 -6.96
CA GLN A 208 -9.33 0.54 -7.07
C GLN A 208 -9.87 -0.53 -6.16
N ILE A 209 -10.74 -0.08 -5.24
CA ILE A 209 -11.55 -0.96 -4.40
C ILE A 209 -12.98 -0.44 -4.51
N ASP A 210 -13.88 -1.36 -4.85
CA ASP A 210 -15.27 -1.04 -5.20
C ASP A 210 -15.29 -0.26 -6.54
N VAL A 211 -16.48 0.16 -6.97
CA VAL A 211 -16.62 0.92 -8.19
C VAL A 211 -16.34 2.41 -7.94
N PHE A 212 -16.10 3.17 -9.01
CA PHE A 212 -15.95 4.61 -8.90
C PHE A 212 -17.26 5.35 -8.68
N THR A 213 -17.15 6.42 -7.91
CA THR A 213 -18.27 7.35 -7.72
C THR A 213 -18.08 8.53 -8.69
N ASP A 214 -19.10 9.38 -8.76
CA ASP A 214 -19.06 10.54 -9.63
C ASP A 214 -18.07 11.64 -9.22
N ASN A 215 -17.37 11.54 -8.08
CA ASN A 215 -16.34 12.53 -7.73
C ASN A 215 -14.92 12.00 -7.97
N ASP A 216 -14.82 10.86 -8.66
CA ASP A 216 -13.55 10.22 -9.02
C ASP A 216 -12.83 9.52 -7.89
N TYR A 217 -13.42 9.52 -6.69
CA TYR A 217 -13.01 8.62 -5.59
C TYR A 217 -13.85 7.37 -5.72
N THR A 218 -13.31 6.25 -5.27
CA THR A 218 -14.10 5.01 -5.30
C THR A 218 -15.08 4.99 -4.13
N TYR A 219 -16.03 4.07 -4.23
CA TYR A 219 -16.98 3.87 -3.13
C TYR A 219 -16.25 3.51 -1.84
N GLU A 220 -15.16 2.74 -1.92
CA GLU A 220 -14.42 2.40 -0.72
C GLU A 220 -13.82 3.62 -0.05
N GLU A 221 -13.21 4.48 -0.86
CA GLU A 221 -12.62 5.69 -0.33
C GLU A 221 -13.70 6.58 0.32
N MET A 222 -14.84 6.71 -0.35
CA MET A 222 -15.94 7.51 0.20
C MET A 222 -16.58 6.87 1.44
N LYS A 223 -16.62 5.54 1.53
CA LYS A 223 -17.06 4.88 2.77
C LYS A 223 -16.15 5.30 3.90
N MET A 224 -14.83 5.27 3.71
CA MET A 224 -13.93 5.70 4.79
C MET A 224 -14.26 7.11 5.26
N THR A 225 -14.43 8.01 4.29
CA THR A 225 -14.77 9.39 4.58
C THR A 225 -16.07 9.53 5.43
N LYS A 226 -17.15 8.98 4.90
CA LYS A 226 -18.49 9.19 5.47
C LYS A 226 -18.67 8.41 6.77
N GLU A 227 -18.13 7.21 6.82
CA GLU A 227 -18.25 6.39 8.03
C GLU A 227 -17.47 7.02 9.20
N THR A 228 -16.29 7.56 8.93
CA THR A 228 -15.50 8.19 9.96
C THR A 228 -16.30 9.33 10.63
N LYS A 229 -16.89 10.17 9.79
CA LYS A 229 -17.63 11.33 10.28
C LYS A 229 -18.80 10.89 11.19
N LYS A 230 -19.50 9.83 10.77
CA LYS A 230 -20.61 9.32 11.56
C LYS A 230 -20.18 8.64 12.88
N ILE A 231 -19.17 7.79 12.82
CA ILE A 231 -18.70 7.08 14.00
C ILE A 231 -18.15 8.03 15.06
N MET A 232 -17.37 9.02 14.60
CA MET A 232 -16.81 10.01 15.49
C MET A 232 -17.76 11.17 15.81
N GLU A 233 -18.93 11.16 15.18
CA GLU A 233 -19.99 12.16 15.42
C GLU A 233 -19.47 13.58 15.21
N ASP A 234 -18.74 13.75 14.09
CA ASP A 234 -18.13 15.04 13.78
C ASP A 234 -17.91 15.17 12.29
N ASP A 235 -18.84 15.88 11.65
CA ASP A 235 -18.79 16.13 10.22
C ASP A 235 -17.67 17.11 9.86
N SER A 236 -17.04 17.75 10.85
CA SER A 236 -15.93 18.69 10.59
C SER A 236 -14.59 18.00 10.37
N ILE A 237 -14.50 16.70 10.62
CA ILE A 237 -13.26 15.99 10.38
C ILE A 237 -13.10 15.78 8.86
N ALA A 238 -12.06 16.36 8.29
CA ALA A 238 -11.78 16.20 6.87
C ALA A 238 -11.11 14.85 6.66
N VAL A 239 -11.62 14.04 5.72
CA VAL A 239 -11.04 12.73 5.45
C VAL A 239 -10.98 12.50 3.95
N SER A 240 -9.78 12.22 3.45
CA SER A 240 -9.61 11.82 2.05
C SER A 240 -8.75 10.57 2.03
N ALA A 241 -9.13 9.61 1.18
CA ALA A 241 -8.51 8.28 1.18
C ALA A 241 -8.11 7.86 -0.25
N THR A 242 -7.07 7.04 -0.31
CA THR A 242 -6.72 6.25 -1.50
C THR A 242 -6.70 4.79 -1.06
N CYS A 243 -7.51 3.96 -1.70
CA CYS A 243 -7.63 2.58 -1.27
C CYS A 243 -7.07 1.65 -2.35
N VAL A 244 -6.13 0.82 -1.95
CA VAL A 244 -5.34 0.04 -2.91
C VAL A 244 -5.36 -1.43 -2.48
N ARG A 245 -5.66 -2.31 -3.43
CA ARG A 245 -5.54 -3.76 -3.24
C ARG A 245 -4.14 -4.23 -3.54
N ILE A 246 -3.57 -5.04 -2.65
CA ILE A 246 -2.23 -5.60 -2.84
C ILE A 246 -2.28 -7.12 -2.65
N PRO A 247 -1.21 -7.83 -3.03
CA PRO A 247 -1.23 -9.31 -2.93
C PRO A 247 -0.93 -9.83 -1.51
N VAL A 248 -1.83 -9.51 -0.61
CA VAL A 248 -1.83 -9.99 0.77
C VAL A 248 -3.10 -10.84 0.91
N LEU A 249 -3.07 -12.00 1.59
CA LEU A 249 -4.30 -12.81 1.68
C LEU A 249 -5.29 -12.28 2.69
N SER A 250 -4.78 -11.96 3.87
CA SER A 250 -5.58 -11.41 4.94
C SER A 250 -4.77 -10.40 5.76
N ALA A 251 -5.51 -9.44 6.31
CA ALA A 251 -5.11 -8.33 7.12
C ALA A 251 -4.84 -7.10 6.28
N HIS A 252 -5.55 -6.03 6.59
CA HIS A 252 -5.36 -4.76 5.93
C HIS A 252 -4.36 -3.92 6.68
N SER A 253 -3.55 -3.17 5.91
CA SER A 253 -2.64 -2.23 6.52
C SER A 253 -2.96 -0.82 5.99
N GLU A 254 -2.66 0.18 6.82
CA GLU A 254 -2.96 1.55 6.45
C GLU A 254 -1.87 2.48 6.86
N SER A 255 -1.47 3.35 5.91
CA SER A 255 -0.61 4.49 6.21
C SER A 255 -1.50 5.67 6.50
N VAL A 256 -1.52 6.09 7.78
CA VAL A 256 -2.48 7.07 8.25
C VAL A 256 -1.77 8.34 8.66
N TYR A 257 -2.23 9.46 8.07
CA TYR A 257 -1.77 10.78 8.48
C TYR A 257 -2.93 11.53 9.11
N ILE A 258 -2.66 12.16 10.23
CA ILE A 258 -3.66 12.99 10.87
C ILE A 258 -3.04 14.35 11.20
N GLU A 259 -3.90 15.34 11.35
CA GLU A 259 -3.56 16.56 12.09
C GLU A 259 -4.58 16.66 13.21
N THR A 260 -4.07 16.82 14.44
CA THR A 260 -4.89 16.97 15.62
C THR A 260 -5.27 18.43 15.79
N LYS A 261 -6.15 18.72 16.73
CA LYS A 261 -6.55 20.09 17.03
C LYS A 261 -5.55 20.77 17.94
N GLU A 262 -4.98 20.02 18.90
CA GLU A 262 -3.92 20.56 19.76
C GLU A 262 -2.70 19.68 19.53
N VAL A 263 -1.50 20.20 19.74
CA VAL A 263 -0.29 19.39 19.61
C VAL A 263 -0.38 18.26 20.59
N ALA A 264 -0.17 17.07 20.07
CA ALA A 264 -0.21 15.82 20.84
C ALA A 264 1.19 15.29 21.00
N PRO A 265 1.79 15.37 22.22
CA PRO A 265 3.16 14.86 22.43
C PRO A 265 3.26 13.45 21.89
N ILE A 266 4.28 13.16 21.08
CA ILE A 266 4.25 11.93 20.31
C ILE A 266 4.30 10.66 21.18
N GLU A 267 5.04 10.71 22.27
CA GLU A 267 5.09 9.57 23.20
C GLU A 267 3.80 9.40 23.99
N GLU A 268 3.10 10.49 24.24
CA GLU A 268 1.75 10.39 24.79
C GLU A 268 0.74 9.83 23.83
N VAL A 269 0.90 10.12 22.55
CA VAL A 269 0.05 9.49 21.54
C VAL A 269 0.25 7.97 21.60
N LYS A 270 1.49 7.52 21.64
CA LYS A 270 1.78 6.09 21.74
C LYS A 270 1.11 5.52 22.99
N ALA A 271 1.28 6.21 24.11
CA ALA A 271 0.68 5.74 25.37
C ALA A 271 -0.84 5.70 25.30
N ALA A 272 -1.47 6.72 24.72
CA ALA A 272 -2.94 6.74 24.61
C ALA A 272 -3.45 5.58 23.76
N ILE A 273 -2.74 5.27 22.68
CA ILE A 273 -3.12 4.15 21.81
C ILE A 273 -2.92 2.83 22.59
N ALA A 274 -1.82 2.69 23.30
CA ALA A 274 -1.58 1.48 24.09
C ALA A 274 -2.71 1.29 25.10
N ALA A 275 -3.17 2.39 25.70
CA ALA A 275 -4.18 2.33 26.74
C ALA A 275 -5.58 2.10 26.21
N PHE A 276 -5.80 2.12 24.90
CA PHE A 276 -7.15 2.10 24.35
C PHE A 276 -7.58 0.66 24.08
N PRO A 277 -8.74 0.22 24.62
CA PRO A 277 -9.11 -1.17 24.41
C PRO A 277 -9.27 -1.53 22.94
N GLY A 278 -8.68 -2.65 22.54
CA GLY A 278 -8.77 -3.11 21.15
C GLY A 278 -7.60 -2.66 20.30
N ALA A 279 -6.80 -1.73 20.82
CA ALA A 279 -5.59 -1.26 20.10
C ALA A 279 -4.38 -1.75 20.86
N VAL A 280 -3.40 -2.27 20.13
CA VAL A 280 -2.15 -2.71 20.70
CA VAL A 280 -2.15 -2.70 20.71
C VAL A 280 -1.03 -1.89 20.08
N LEU A 281 -0.24 -1.25 20.93
CA LEU A 281 0.95 -0.52 20.49
C LEU A 281 2.07 -1.53 20.19
N GLU A 282 2.55 -1.48 18.95
CA GLU A 282 3.66 -2.32 18.49
CA GLU A 282 3.63 -2.33 18.50
C GLU A 282 4.60 -1.38 17.80
N ASP A 283 5.49 -0.78 18.59
CA ASP A 283 6.27 0.34 18.10
C ASP A 283 7.58 0.45 18.83
N ASP A 284 8.62 -0.17 18.27
CA ASP A 284 9.97 -0.08 18.84
C ASP A 284 10.92 -0.21 17.67
N VAL A 285 11.16 0.91 17.01
CA VAL A 285 11.92 0.85 15.76
C VAL A 285 13.39 0.45 15.96
N ALA A 286 13.96 0.74 17.13
CA ALA A 286 15.33 0.25 17.47
C ALA A 286 15.46 -1.27 17.36
N HIS A 287 14.33 -1.99 17.53
CA HIS A 287 14.29 -3.44 17.36
C HIS A 287 13.39 -3.86 16.21
N GLN A 288 13.16 -2.93 15.27
CA GLN A 288 12.36 -3.23 14.07
C GLN A 288 11.00 -3.83 14.42
N ILE A 289 10.38 -3.26 15.45
CA ILE A 289 9.03 -3.69 15.85
C ILE A 289 8.01 -2.71 15.29
N TYR A 290 7.08 -3.26 14.49
CA TYR A 290 5.98 -2.51 13.91
C TYR A 290 4.91 -3.53 13.48
N PRO A 291 3.67 -3.08 13.32
CA PRO A 291 2.64 -4.02 12.87
C PRO A 291 2.92 -4.62 11.50
N GLN A 292 2.60 -5.89 11.34
CA GLN A 292 2.73 -6.62 10.09
C GLN A 292 1.50 -7.44 9.83
N ALA A 293 0.94 -7.34 8.63
CA ALA A 293 -0.20 -8.14 8.21
C ALA A 293 -0.09 -9.59 8.59
N ILE A 294 1.04 -10.22 8.27
CA ILE A 294 1.11 -11.68 8.48
C ILE A 294 1.06 -12.08 9.95
N ASN A 295 1.46 -11.17 10.85
CA ASN A 295 1.39 -11.45 12.27
C ASN A 295 0.04 -11.12 12.92
N ALA A 296 -0.76 -10.29 12.25
CA ALA A 296 -2.06 -9.86 12.75
C ALA A 296 -3.17 -10.86 12.46
N VAL A 297 -3.00 -11.68 11.45
CA VAL A 297 -4.02 -12.63 11.06
C VAL A 297 -4.38 -13.53 12.26
N GLY A 298 -5.69 -13.68 12.51
CA GLY A 298 -6.17 -14.49 13.60
C GLY A 298 -6.37 -13.81 14.93
N SER A 299 -5.94 -12.55 15.05
CA SER A 299 -6.11 -11.76 16.27
C SER A 299 -7.24 -10.79 16.10
N ARG A 300 -8.02 -10.63 17.17
CA ARG A 300 -9.05 -9.58 17.22
C ARG A 300 -8.52 -8.16 17.47
N ASP A 301 -7.27 -8.03 17.88
CA ASP A 301 -6.68 -6.73 18.17
C ASP A 301 -6.33 -5.98 16.88
N THR A 302 -6.17 -4.67 17.05
CA THR A 302 -5.71 -3.77 15.99
C THR A 302 -4.37 -3.27 16.42
N PHE A 303 -3.37 -3.36 15.53
CA PHE A 303 -1.98 -3.09 15.87
C PHE A 303 -1.51 -1.79 15.25
N VAL A 304 -0.83 -0.96 16.06
CA VAL A 304 -0.47 0.39 15.61
C VAL A 304 1.01 0.63 15.91
N GLY A 305 1.76 1.13 14.91
CA GLY A 305 3.11 1.58 15.18
C GLY A 305 3.55 2.56 14.08
N ARG A 306 4.86 2.60 13.85
CA ARG A 306 5.47 3.66 13.04
C ARG A 306 4.96 5.06 13.42
N ILE A 307 4.64 5.26 14.70
CA ILE A 307 4.03 6.50 15.14
C ILE A 307 5.13 7.56 15.24
N ARG A 308 4.93 8.65 14.52
CA ARG A 308 5.96 9.69 14.48
C ARG A 308 5.35 11.02 14.01
N LYS A 309 5.99 12.11 14.42
CA LYS A 309 5.55 13.43 14.01
C LYS A 309 5.85 13.67 12.53
N ASP A 310 4.99 14.43 11.89
CA ASP A 310 5.32 14.99 10.58
C ASP A 310 6.59 15.81 10.71
N LEU A 311 7.35 15.85 9.63
CA LEU A 311 8.59 16.62 9.65
C LEU A 311 8.40 18.14 9.68
N ASP A 312 7.20 18.62 9.33
CA ASP A 312 6.94 20.05 9.17
C ASP A 312 5.68 20.58 9.84
N ALA A 313 4.58 19.83 9.73
CA ALA A 313 3.31 20.24 10.30
C ALA A 313 3.33 19.96 11.82
N GLU A 314 3.24 21.02 12.62
CA GLU A 314 3.31 20.93 14.07
C GLU A 314 2.32 19.91 14.66
N LYS A 315 1.13 19.85 14.08
CA LYS A 315 0.08 18.98 14.60
C LYS A 315 -0.10 17.70 13.78
N GLY A 316 0.82 17.44 12.85
CA GLY A 316 0.77 16.27 12.01
C GLY A 316 1.45 15.05 12.61
N ILE A 317 0.79 13.89 12.43
CA ILE A 317 1.29 12.62 12.92
C ILE A 317 1.05 11.56 11.86
N HIS A 318 2.06 10.70 11.67
CA HIS A 318 1.95 9.53 10.80
C HIS A 318 1.97 8.26 11.63
N MET A 319 1.26 7.25 11.11
CA MET A 319 1.29 5.95 11.74
C MET A 319 0.92 4.84 10.75
N TRP A 320 1.10 3.60 11.21
CA TRP A 320 0.84 2.38 10.42
C TRP A 320 -0.11 1.54 11.28
N VAL A 321 -1.24 1.18 10.67
CA VAL A 321 -2.34 0.47 11.41
C VAL A 321 -2.62 -0.81 10.65
N VAL A 322 -2.67 -1.94 11.38
CA VAL A 322 -2.94 -3.24 10.75
C VAL A 322 -3.97 -4.01 11.60
N SER A 323 -4.92 -4.64 10.92
CA SER A 323 -5.80 -5.58 11.61
C SER A 323 -6.31 -6.60 10.62
N ASP A 324 -6.69 -7.77 11.14
CA ASP A 324 -7.33 -8.81 10.34
C ASP A 324 -8.69 -8.31 9.85
N ASN A 325 -8.82 -8.14 8.53
CA ASN A 325 -10.01 -7.53 7.96
C ASN A 325 -11.24 -8.43 8.04
N LEU A 326 -11.03 -9.71 8.32
CA LEU A 326 -12.16 -10.62 8.50
C LEU A 326 -12.59 -10.72 9.96
N LEU A 327 -11.72 -10.28 10.88
CA LEU A 327 -12.04 -10.35 12.31
C LEU A 327 -12.45 -8.95 12.78
N LYS A 328 -11.56 -8.12 13.29
CA LYS A 328 -12.04 -6.81 13.69
C LYS A 328 -12.68 -6.06 12.54
N GLY A 329 -12.21 -6.31 11.31
CA GLY A 329 -12.82 -5.65 10.20
C GLY A 329 -14.18 -6.12 9.76
N ALA A 330 -14.67 -7.23 10.33
CA ALA A 330 -15.95 -7.78 9.90
C ALA A 330 -16.60 -8.67 10.97
N ALA A 331 -16.19 -9.95 11.04
CA ALA A 331 -16.90 -10.90 11.88
C ALA A 331 -16.77 -10.61 13.37
N TRP A 332 -15.57 -10.26 13.84
CA TRP A 332 -15.40 -9.93 15.25
C TRP A 332 -16.10 -8.64 15.61
N ASN A 333 -15.99 -7.57 14.83
CA ASN A 333 -16.73 -6.36 15.17
C ASN A 333 -18.22 -6.69 15.28
N SER A 334 -18.72 -7.50 14.36
CA SER A 334 -20.16 -7.83 14.35
C SER A 334 -20.55 -8.64 15.61
N VAL A 335 -19.80 -9.66 15.94
CA VAL A 335 -20.07 -10.47 17.14
C VAL A 335 -19.91 -9.63 18.39
N GLN A 336 -18.92 -8.77 18.42
CA GLN A 336 -18.72 -7.85 19.54
C GLN A 336 -19.91 -6.91 19.70
N ILE A 337 -20.47 -6.42 18.60
CA ILE A 337 -21.70 -5.64 18.66
C ILE A 337 -22.83 -6.48 19.29
N ALA A 338 -23.01 -7.70 18.80
CA ALA A 338 -24.02 -8.58 19.40
C ALA A 338 -23.82 -8.80 20.89
N GLU A 339 -22.59 -9.05 21.32
CA GLU A 339 -22.30 -9.21 22.75
C GLU A 339 -22.66 -7.93 23.50
N THR A 340 -22.34 -6.75 22.94
CA THR A 340 -22.59 -5.51 23.60
C THR A 340 -24.10 -5.28 23.73
N LEU A 341 -24.86 -5.64 22.69
CA LEU A 341 -26.32 -5.54 22.73
C LEU A 341 -26.87 -6.43 23.87
N HIS A 342 -26.39 -7.66 23.94
CA HIS A 342 -26.80 -8.57 25.02
C HIS A 342 -26.49 -7.97 26.38
N GLU A 343 -25.28 -7.50 26.57
CA GLU A 343 -24.81 -6.97 27.85
C GLU A 343 -25.57 -5.73 28.31
N ARG A 344 -26.08 -4.96 27.36
CA ARG A 344 -26.76 -3.73 27.66
C ARG A 344 -28.26 -3.86 27.55
N GLY A 345 -28.77 -5.09 27.45
CA GLY A 345 -30.22 -5.27 27.50
C GLY A 345 -30.98 -4.77 26.29
N LEU A 346 -30.28 -4.78 25.13
CA LEU A 346 -30.81 -4.18 23.92
C LEU A 346 -31.30 -5.19 22.88
N VAL A 347 -31.30 -6.48 23.24
CA VAL A 347 -31.83 -7.49 22.32
C VAL A 347 -33.32 -7.66 22.58
N ARG A 348 -34.11 -6.85 21.88
CA ARG A 348 -35.56 -6.78 22.04
C ARG A 348 -36.18 -6.44 20.71
N PRO A 349 -37.37 -7.00 20.40
CA PRO A 349 -38.06 -6.58 19.19
C PRO A 349 -38.29 -5.07 19.15
N THR A 350 -38.27 -4.52 17.96
CA THR A 350 -38.51 -3.08 17.82
C THR A 350 -40.02 -2.77 17.68
N ALA A 351 -40.43 -1.64 18.23
CA ALA A 351 -41.84 -1.26 18.30
C ALA A 351 -42.40 -0.75 16.97
N GLU A 352 -41.58 -0.04 16.21
CA GLU A 352 -42.01 0.58 14.97
C GLU A 352 -41.04 0.24 13.85
N LEU A 353 -41.58 -0.10 12.68
CA LEU A 353 -40.73 -0.37 11.52
C LEU A 353 -40.30 0.93 10.85
N LYS A 354 -38.99 1.07 10.65
CA LYS A 354 -38.45 2.29 10.08
C LYS A 354 -37.72 2.05 8.77
N PHE A 355 -37.76 0.80 8.29
CA PHE A 355 -37.02 0.42 7.08
C PHE A 355 -37.91 -0.09 5.98
N GLU A 356 -37.67 0.46 4.80
CA GLU A 356 -38.39 0.15 3.61
C GLU A 356 -38.40 -1.35 3.31
N LEU A 357 -39.59 -1.87 3.07
CA LEU A 357 -39.76 -3.24 2.61
C LEU A 357 -39.66 -3.28 1.08
N LYS A 358 -38.74 -4.08 0.54
CA LYS A 358 -38.50 -4.15 -0.92
C LYS A 358 -39.36 -5.24 -1.60
N GLY B 2 34.32 7.20 -29.89
CA GLY B 2 33.33 6.98 -28.82
C GLY B 2 34.01 6.84 -27.47
N TYR B 3 33.28 6.28 -26.51
CA TYR B 3 33.70 6.23 -25.12
C TYR B 3 34.06 4.81 -24.66
N THR B 4 34.93 4.73 -23.67
CA THR B 4 35.07 3.53 -22.86
C THR B 4 34.17 3.69 -21.63
N VAL B 5 33.26 2.74 -21.45
CA VAL B 5 32.28 2.78 -20.37
C VAL B 5 32.48 1.58 -19.45
N ALA B 6 32.56 1.84 -18.14
CA ALA B 6 32.59 0.77 -17.12
C ALA B 6 31.27 0.73 -16.39
N VAL B 7 30.76 -0.48 -16.18
CA VAL B 7 29.61 -0.70 -15.31
C VAL B 7 30.14 -1.39 -14.05
N VAL B 8 30.07 -0.69 -12.93
CA VAL B 8 30.51 -1.23 -11.65
C VAL B 8 29.27 -1.76 -10.92
N GLY B 9 29.27 -3.05 -10.64
CA GLY B 9 28.05 -3.72 -10.18
C GLY B 9 27.27 -4.35 -11.33
N ALA B 10 27.97 -4.78 -12.38
CA ALA B 10 27.34 -5.28 -13.61
C ALA B 10 26.49 -6.53 -13.42
N THR B 11 26.79 -7.29 -12.37
CA THR B 11 26.21 -8.61 -12.14
C THR B 11 24.90 -8.60 -11.34
N GLY B 12 24.54 -7.47 -10.74
CA GLY B 12 23.36 -7.39 -9.87
C GLY B 12 22.10 -7.01 -10.62
N ALA B 13 21.04 -6.72 -9.85
CA ALA B 13 19.74 -6.42 -10.43
C ALA B 13 19.77 -5.13 -11.26
N VAL B 14 20.30 -4.05 -10.69
CA VAL B 14 20.43 -2.80 -11.42
C VAL B 14 21.44 -2.96 -12.56
N GLY B 15 22.56 -3.61 -12.29
CA GLY B 15 23.60 -3.78 -13.31
C GLY B 15 23.11 -4.49 -14.56
N ALA B 16 22.24 -5.47 -14.40
CA ALA B 16 21.67 -6.18 -15.54
C ALA B 16 20.85 -5.23 -16.42
N GLN B 17 20.13 -4.29 -15.78
CA GLN B 17 19.38 -3.31 -16.51
C GLN B 17 20.25 -2.17 -17.04
N MET B 18 21.35 -1.87 -16.36
CA MET B 18 22.30 -0.92 -16.91
C MET B 18 22.87 -1.46 -18.22
N ILE B 19 23.18 -2.76 -18.26
CA ILE B 19 23.65 -3.40 -19.50
C ILE B 19 22.57 -3.24 -20.59
N LYS B 20 21.32 -3.54 -20.27
CA LYS B 20 20.25 -3.43 -21.26
C LYS B 20 20.06 -2.01 -21.74
N MET B 21 20.07 -1.07 -20.81
CA MET B 21 19.85 0.32 -21.19
C MET B 21 21.06 0.83 -22.04
N LEU B 22 22.28 0.40 -21.72
CA LEU B 22 23.45 0.77 -22.54
C LEU B 22 23.41 0.14 -23.91
N GLU B 23 22.98 -1.11 -24.01
CA GLU B 23 22.83 -1.78 -25.30
C GLU B 23 21.85 -1.02 -26.20
N GLU B 24 20.87 -0.41 -25.58
CA GLU B 24 19.80 0.32 -26.28
C GLU B 24 20.06 1.82 -26.36
N SER B 25 21.23 2.27 -25.88
CA SER B 25 21.52 3.71 -25.72
CA SER B 25 21.49 3.71 -25.75
C SER B 25 21.99 4.37 -27.03
N THR B 26 21.93 5.70 -27.01
CA THR B 26 22.52 6.49 -28.10
C THR B 26 23.96 6.93 -27.77
N LEU B 27 24.52 6.45 -26.67
CA LEU B 27 25.90 6.75 -26.32
C LEU B 27 26.81 6.01 -27.31
N PRO B 28 27.82 6.69 -27.88
CA PRO B 28 28.74 5.96 -28.75
C PRO B 28 29.77 5.19 -27.91
N ILE B 29 29.62 3.88 -27.84
CA ILE B 29 30.43 3.06 -26.95
C ILE B 29 31.46 2.27 -27.76
N ASP B 30 32.72 2.65 -27.61
CA ASP B 30 33.80 1.93 -28.27
C ASP B 30 34.26 0.69 -27.50
N LYS B 31 34.19 0.76 -26.18
CA LYS B 31 34.65 -0.34 -25.34
C LYS B 31 33.78 -0.36 -24.09
N ILE B 32 33.39 -1.56 -23.68
CA ILE B 32 32.64 -1.75 -22.45
C ILE B 32 33.42 -2.65 -21.49
N ARG B 33 33.40 -2.30 -20.22
CA ARG B 33 34.02 -3.10 -19.17
C ARG B 33 32.97 -3.35 -18.07
N TYR B 34 32.97 -4.57 -17.55
CA TYR B 34 32.07 -4.98 -16.48
C TYR B 34 32.89 -5.26 -15.24
N LEU B 35 32.62 -4.51 -14.18
CA LEU B 35 33.29 -4.62 -12.90
C LEU B 35 32.31 -5.10 -11.82
N ALA B 36 32.81 -5.93 -10.91
CA ALA B 36 32.02 -6.37 -9.76
C ALA B 36 32.98 -6.74 -8.65
N SER B 37 32.60 -7.65 -7.76
CA SER B 37 33.50 -8.08 -6.68
C SER B 37 34.44 -9.19 -7.13
N ALA B 38 35.40 -9.52 -6.29
CA ALA B 38 36.35 -10.60 -6.58
C ALA B 38 35.65 -11.92 -6.86
N ARG B 39 34.47 -12.13 -6.30
CA ARG B 39 33.83 -13.43 -6.45
C ARG B 39 33.19 -13.62 -7.83
N SER B 40 32.88 -12.51 -8.51
CA SER B 40 32.38 -12.56 -9.89
C SER B 40 33.48 -12.44 -10.94
N ALA B 41 34.67 -11.99 -10.55
CA ALA B 41 35.76 -11.80 -11.50
C ALA B 41 36.06 -13.11 -12.25
N GLY B 42 36.21 -13.00 -13.56
CA GLY B 42 36.57 -14.13 -14.39
C GLY B 42 35.39 -14.80 -15.07
N LYS B 43 34.19 -14.55 -14.56
CA LYS B 43 32.97 -14.97 -15.25
C LYS B 43 32.73 -14.03 -16.42
N SER B 44 31.76 -14.41 -17.25
CA SER B 44 31.41 -13.67 -18.46
C SER B 44 29.94 -13.21 -18.47
N LEU B 45 29.69 -12.06 -19.09
CA LEU B 45 28.34 -11.54 -19.35
C LEU B 45 28.34 -10.96 -20.76
N LYS B 46 27.18 -10.92 -21.42
CA LYS B 46 27.09 -10.41 -22.79
C LYS B 46 26.97 -8.88 -22.80
N PHE B 47 27.58 -8.27 -23.81
CA PHE B 47 27.16 -6.97 -24.31
C PHE B 47 26.81 -7.17 -25.76
N LYS B 48 25.51 -7.05 -26.06
CA LYS B 48 24.96 -7.46 -27.35
C LYS B 48 25.41 -8.91 -27.62
N ASP B 49 26.13 -9.16 -28.71
CA ASP B 49 26.59 -10.51 -29.04
C ASP B 49 28.02 -10.79 -28.58
N GLN B 50 28.58 -9.89 -27.75
CA GLN B 50 30.01 -10.02 -27.37
C GLN B 50 30.09 -10.51 -25.93
N ASP B 51 31.00 -11.45 -25.67
CA ASP B 51 31.22 -11.92 -24.30
C ASP B 51 32.21 -10.99 -23.60
N ILE B 52 31.85 -10.51 -22.42
CA ILE B 52 32.66 -9.56 -21.66
C ILE B 52 33.07 -10.22 -20.34
N THR B 53 34.37 -10.28 -20.09
CA THR B 53 34.89 -10.85 -18.86
C THR B 53 34.72 -9.86 -17.71
N ILE B 54 34.11 -10.32 -16.62
CA ILE B 54 33.94 -9.49 -15.45
C ILE B 54 35.28 -9.34 -14.71
N GLU B 55 35.55 -8.10 -14.29
CA GLU B 55 36.78 -7.74 -13.62
C GLU B 55 36.50 -7.38 -12.18
N GLU B 56 37.48 -7.63 -11.31
CA GLU B 56 37.40 -7.17 -9.94
C GLU B 56 37.56 -5.65 -9.90
N THR B 57 36.71 -5.00 -9.11
CA THR B 57 36.81 -3.56 -8.87
C THR B 57 37.97 -3.28 -7.91
N THR B 58 38.89 -2.44 -8.34
CA THR B 58 40.09 -2.09 -7.55
C THR B 58 40.37 -0.59 -7.71
N GLU B 59 41.26 -0.09 -6.87
CA GLU B 59 41.64 1.33 -6.89
C GLU B 59 42.35 1.69 -8.19
N THR B 60 42.89 0.69 -8.87
CA THR B 60 43.65 0.89 -10.12
C THR B 60 42.94 0.38 -11.37
N ALA B 61 41.67 0.10 -11.26
CA ALA B 61 40.90 -0.55 -12.33
C ALA B 61 40.33 0.42 -13.39
N PHE B 62 40.46 1.72 -13.16
CA PHE B 62 39.73 2.70 -13.96
C PHE B 62 40.57 3.44 -15.00
N GLU B 63 41.80 2.99 -15.21
CA GLU B 63 42.65 3.59 -16.22
C GLU B 63 41.97 3.37 -17.58
N GLY B 64 41.88 4.43 -18.37
CA GLY B 64 41.32 4.33 -19.72
C GLY B 64 39.82 4.50 -19.82
N VAL B 65 39.14 4.54 -18.66
CA VAL B 65 37.69 4.65 -18.65
C VAL B 65 37.25 6.10 -18.77
N ASP B 66 36.29 6.37 -19.65
CA ASP B 66 35.71 7.72 -19.79
C ASP B 66 34.54 7.96 -18.83
N ILE B 67 33.63 6.98 -18.74
CA ILE B 67 32.39 7.09 -17.95
C ILE B 67 32.27 5.80 -17.16
N ALA B 68 32.04 5.92 -15.84
CA ALA B 68 31.78 4.76 -14.99
C ALA B 68 30.43 4.94 -14.35
N LEU B 69 29.59 3.93 -14.54
CA LEU B 69 28.26 3.88 -13.90
C LEU B 69 28.37 2.94 -12.69
N PHE B 70 28.22 3.50 -11.49
CA PHE B 70 28.34 2.74 -10.25
C PHE B 70 26.96 2.31 -9.74
N SER B 71 26.78 1.01 -9.60
CA SER B 71 25.58 0.47 -8.93
C SER B 71 25.94 -0.78 -8.14
N ALA B 72 26.88 -0.60 -7.20
CA ALA B 72 27.42 -1.70 -6.40
C ALA B 72 27.33 -1.45 -4.89
N GLY B 73 26.43 -0.54 -4.48
CA GLY B 73 26.24 -0.22 -3.06
C GLY B 73 27.06 0.98 -2.65
N SER B 74 26.54 1.73 -1.69
CA SER B 74 27.20 2.94 -1.21
C SER B 74 28.65 2.72 -0.74
N SER B 75 28.94 1.57 -0.14
CA SER B 75 30.29 1.19 0.31
C SER B 75 31.30 1.18 -0.86
N THR B 76 30.89 0.55 -1.95
CA THR B 76 31.76 0.42 -3.13
C THR B 76 32.00 1.77 -3.79
N SER B 77 30.98 2.61 -3.85
CA SER B 77 31.16 3.96 -4.40
C SER B 77 32.07 4.81 -3.51
N ALA B 78 31.85 4.75 -2.19
CA ALA B 78 32.69 5.49 -1.27
C ALA B 78 34.16 5.11 -1.45
N LYS B 79 34.40 3.81 -1.61
CA LYS B 79 35.77 3.28 -1.67
C LYS B 79 36.45 3.62 -3.00
N TYR B 80 35.75 3.40 -4.12
CA TYR B 80 36.40 3.39 -5.45
C TYR B 80 36.07 4.59 -6.33
N ALA B 81 34.94 5.25 -6.13
CA ALA B 81 34.60 6.38 -6.99
C ALA B 81 35.62 7.55 -6.92
N PRO B 82 36.16 7.84 -5.71
CA PRO B 82 37.18 8.89 -5.68
C PRO B 82 38.41 8.56 -6.54
N TYR B 83 38.81 7.28 -6.56
CA TYR B 83 39.97 6.87 -7.39
C TYR B 83 39.67 7.03 -8.89
N ALA B 84 38.46 6.67 -9.27
CA ALA B 84 38.01 6.85 -10.64
C ALA B 84 38.06 8.34 -11.02
N VAL B 85 37.56 9.21 -10.16
CA VAL B 85 37.55 10.63 -10.42
C VAL B 85 38.98 11.18 -10.56
N LYS B 86 39.89 10.73 -9.69
CA LYS B 86 41.29 11.17 -9.78
C LYS B 86 41.95 10.70 -11.07
N ALA B 87 41.50 9.58 -11.60
CA ALA B 87 42.02 9.06 -12.88
C ALA B 87 41.39 9.74 -14.10
N GLY B 88 40.45 10.66 -13.87
CA GLY B 88 39.84 11.44 -14.95
C GLY B 88 38.55 10.87 -15.50
N VAL B 89 37.99 9.91 -14.79
CA VAL B 89 36.71 9.29 -15.17
C VAL B 89 35.55 10.16 -14.70
N VAL B 90 34.50 10.26 -15.51
CA VAL B 90 33.25 10.86 -15.05
C VAL B 90 32.38 9.74 -14.49
N VAL B 91 32.01 9.89 -13.22
CA VAL B 91 31.26 8.88 -12.49
C VAL B 91 29.80 9.29 -12.41
N VAL B 92 28.91 8.38 -12.82
CA VAL B 92 27.47 8.50 -12.56
C VAL B 92 27.16 7.45 -11.49
N ASP B 93 26.81 7.94 -10.30
CA ASP B 93 26.64 7.08 -9.14
C ASP B 93 25.20 6.88 -8.77
N ASN B 94 24.78 5.62 -8.78
CA ASN B 94 23.38 5.28 -8.43
C ASN B 94 23.09 5.24 -6.94
N THR B 95 24.14 5.33 -6.12
CA THR B 95 24.04 5.05 -4.69
C THR B 95 23.72 6.34 -3.94
N SER B 96 23.45 6.21 -2.65
CA SER B 96 23.14 7.36 -1.81
C SER B 96 24.36 8.12 -1.35
N TYR B 97 25.56 7.58 -1.57
CA TYR B 97 26.72 8.07 -0.84
C TYR B 97 27.02 9.56 -1.06
N PHE B 98 26.96 10.00 -2.32
CA PHE B 98 27.36 11.36 -2.67
C PHE B 98 26.19 12.31 -2.86
N ARG B 99 24.96 11.85 -2.63
CA ARG B 99 23.78 12.60 -3.05
C ARG B 99 23.60 13.95 -2.39
N GLN B 100 24.01 14.04 -1.13
CA GLN B 100 23.88 15.29 -0.36
C GLN B 100 25.19 16.05 -0.26
N ASN B 101 26.16 15.71 -1.11
CA ASN B 101 27.40 16.46 -1.21
C ASN B 101 27.15 17.71 -2.04
N PRO B 102 27.45 18.91 -1.51
CA PRO B 102 27.12 20.17 -2.23
C PRO B 102 27.87 20.37 -3.54
N ASP B 103 28.95 19.62 -3.76
CA ASP B 103 29.71 19.67 -5.01
C ASP B 103 29.28 18.59 -6.01
N VAL B 104 28.20 17.86 -5.69
CA VAL B 104 27.73 16.77 -6.55
C VAL B 104 26.28 17.03 -7.01
N PRO B 105 26.09 17.21 -8.32
CA PRO B 105 24.74 17.33 -8.83
C PRO B 105 23.93 16.05 -8.59
N LEU B 106 22.67 16.23 -8.23
CA LEU B 106 21.74 15.14 -7.97
C LEU B 106 20.63 15.31 -9.00
N VAL B 107 20.64 14.48 -10.04
CA VAL B 107 19.95 14.81 -11.28
C VAL B 107 18.88 13.82 -11.76
N VAL B 108 17.72 14.40 -12.10
CA VAL B 108 16.71 13.76 -12.95
C VAL B 108 16.67 14.60 -14.22
N PRO B 109 17.11 14.03 -15.36
CA PRO B 109 17.36 14.93 -16.50
C PRO B 109 16.18 15.80 -16.95
N GLU B 110 14.95 15.32 -16.82
CA GLU B 110 13.78 16.13 -17.21
C GLU B 110 13.51 17.31 -16.30
N VAL B 111 14.06 17.26 -15.09
CA VAL B 111 13.76 18.22 -14.03
C VAL B 111 14.90 19.21 -13.85
N ASN B 112 16.14 18.72 -13.75
CA ASN B 112 17.26 19.59 -13.43
C ASN B 112 18.56 19.26 -14.17
N ALA B 113 18.46 18.94 -15.47
CA ALA B 113 19.64 18.68 -16.28
C ALA B 113 20.68 19.81 -16.20
N HIS B 114 20.25 21.05 -16.03
CA HIS B 114 21.20 22.18 -15.93
C HIS B 114 22.23 21.99 -14.82
N ALA B 115 21.85 21.27 -13.77
CA ALA B 115 22.75 21.03 -12.65
C ALA B 115 24.01 20.23 -13.06
N LEU B 116 23.94 19.49 -14.16
CA LEU B 116 25.08 18.71 -14.68
C LEU B 116 26.24 19.60 -15.10
N ASP B 117 25.92 20.85 -15.45
CA ASP B 117 26.93 21.78 -15.96
C ASP B 117 27.98 22.07 -14.89
N ALA B 118 27.57 21.90 -13.64
CA ALA B 118 28.39 22.20 -12.46
C ALA B 118 29.18 21.01 -11.92
N HIS B 119 29.18 19.88 -12.62
CA HIS B 119 29.82 18.69 -12.08
C HIS B 119 31.34 18.81 -11.99
N ASN B 120 31.88 18.13 -10.98
CA ASN B 120 33.30 18.07 -10.68
C ASN B 120 33.76 16.62 -10.73
N GLY B 121 33.18 15.83 -11.63
CA GLY B 121 33.58 14.42 -11.87
C GLY B 121 32.59 13.37 -11.37
N ILE B 122 31.65 13.77 -10.50
CA ILE B 122 30.62 12.86 -10.00
C ILE B 122 29.24 13.48 -10.14
N ILE B 123 28.32 12.67 -10.66
CA ILE B 123 26.92 13.03 -10.76
C ILE B 123 26.18 11.90 -10.07
N ALA B 124 25.28 12.27 -9.16
CA ALA B 124 24.47 11.26 -8.44
C ALA B 124 23.07 11.07 -9.06
N CYS B 125 22.67 9.81 -9.21
CA CYS B 125 21.30 9.46 -9.53
C CYS B 125 20.53 9.38 -8.17
N PRO B 126 19.33 10.01 -8.06
CA PRO B 126 18.52 9.89 -6.82
C PRO B 126 17.99 8.49 -6.58
N ASN B 127 17.38 8.33 -5.42
CA ASN B 127 16.66 7.09 -5.12
C ASN B 127 15.49 6.91 -6.06
N CYS B 128 15.20 5.66 -6.40
CA CYS B 128 14.12 5.31 -7.29
C CYS B 128 12.76 5.94 -6.95
N SER B 129 12.34 5.86 -5.68
CA SER B 129 11.06 6.42 -5.29
CA SER B 129 11.06 6.40 -5.28
C SER B 129 11.02 7.91 -5.51
N THR B 130 12.14 8.58 -5.25
CA THR B 130 12.22 10.02 -5.48
C THR B 130 12.09 10.35 -6.95
N ILE B 131 12.80 9.62 -7.81
CA ILE B 131 12.87 9.97 -9.22
C ILE B 131 11.47 9.98 -9.82
N GLN B 132 10.69 8.92 -9.62
CA GLN B 132 9.39 8.88 -10.24
C GLN B 132 8.45 9.96 -9.70
N MET B 133 8.58 10.28 -8.41
CA MET B 133 7.77 11.34 -7.83
C MET B 133 8.14 12.70 -8.46
N MET B 134 9.44 12.92 -8.70
CA MET B 134 9.87 14.19 -9.32
C MET B 134 9.39 14.37 -10.76
N VAL B 135 9.35 13.29 -11.52
CA VAL B 135 8.83 13.34 -12.89
C VAL B 135 7.33 13.71 -12.89
N ALA B 136 6.57 13.14 -11.92
CA ALA B 136 5.14 13.43 -11.86
C ALA B 136 4.88 14.85 -11.38
N LEU B 137 5.69 15.35 -10.43
CA LEU B 137 5.37 16.59 -9.74
C LEU B 137 5.99 17.85 -10.29
N GLU B 138 7.12 17.73 -10.97
CA GLU B 138 7.75 18.92 -11.51
C GLU B 138 6.85 19.74 -12.43
N PRO B 139 6.07 19.11 -13.33
CA PRO B 139 5.19 19.95 -14.16
C PRO B 139 4.15 20.71 -13.35
N VAL B 140 3.75 20.17 -12.22
CA VAL B 140 2.79 20.86 -11.37
C VAL B 140 3.52 22.01 -10.65
N ARG B 141 4.71 21.72 -10.11
CA ARG B 141 5.48 22.76 -9.40
C ARG B 141 5.71 23.97 -10.29
N GLN B 142 6.06 23.71 -11.54
CA GLN B 142 6.37 24.79 -12.49
C GLN B 142 5.23 25.78 -12.66
N LYS B 143 4.00 25.27 -12.62
CA LYS B 143 2.85 26.12 -12.92
C LYS B 143 2.12 26.65 -11.70
N TRP B 144 2.02 25.82 -10.64
CA TRP B 144 1.25 26.21 -9.46
C TRP B 144 2.01 26.17 -8.14
N GLY B 145 3.29 25.80 -8.18
CA GLY B 145 4.11 25.69 -6.98
C GLY B 145 3.78 24.45 -6.17
N LEU B 146 4.67 24.13 -5.24
CA LEU B 146 4.47 23.03 -4.29
C LEU B 146 4.77 23.54 -2.91
N ASP B 147 3.78 23.43 -2.02
CA ASP B 147 3.96 23.80 -0.63
C ASP B 147 4.38 22.58 0.20
N ARG B 148 3.72 21.45 -0.04
CA ARG B 148 4.06 20.22 0.70
C ARG B 148 3.70 18.97 -0.09
N ILE B 149 4.33 17.86 0.34
CA ILE B 149 4.11 16.54 -0.23
C ILE B 149 3.98 15.56 0.95
N ILE B 150 2.99 14.68 0.90
CA ILE B 150 2.90 13.54 1.81
C ILE B 150 2.78 12.32 0.90
N VAL B 151 3.63 11.33 1.09
CA VAL B 151 3.64 10.20 0.18
C VAL B 151 3.71 8.90 0.95
N SER B 152 2.93 7.91 0.46
CA SER B 152 3.01 6.52 0.97
C SER B 152 3.39 5.67 -0.25
N THR B 153 4.44 4.87 -0.10
CA THR B 153 4.93 4.09 -1.22
C THR B 153 4.59 2.62 -1.10
N TYR B 154 4.60 1.96 -2.25
CA TYR B 154 4.25 0.55 -2.43
C TYR B 154 5.36 -0.04 -3.28
N GLN B 155 6.46 -0.37 -2.62
CA GLN B 155 7.72 -0.64 -3.32
C GLN B 155 7.94 -2.12 -3.60
N ALA B 156 8.40 -2.39 -4.81
CA ALA B 156 8.76 -3.71 -5.30
C ALA B 156 10.08 -4.19 -4.70
N VAL B 157 10.20 -5.52 -4.60
CA VAL B 157 11.36 -6.12 -3.94
C VAL B 157 12.66 -6.04 -4.76
N SER B 158 12.58 -5.81 -6.06
CA SER B 158 13.83 -5.71 -6.87
C SER B 158 14.68 -4.52 -6.44
N GLY B 159 14.04 -3.52 -5.82
CA GLY B 159 14.77 -2.38 -5.24
C GLY B 159 15.80 -2.77 -4.19
N ALA B 160 15.58 -3.93 -3.57
CA ALA B 160 16.49 -4.47 -2.56
C ALA B 160 17.53 -5.47 -3.10
N GLY B 161 17.56 -5.67 -4.42
CA GLY B 161 18.60 -6.50 -5.03
C GLY B 161 18.11 -7.83 -5.52
N MET B 162 18.97 -8.50 -6.25
CA MET B 162 18.69 -9.79 -6.78
C MET B 162 18.32 -10.78 -5.68
N GLY B 163 19.05 -10.76 -4.57
CA GLY B 163 18.76 -11.72 -3.50
C GLY B 163 17.32 -11.58 -3.00
N ALA B 164 16.86 -10.34 -2.88
CA ALA B 164 15.51 -10.07 -2.37
C ALA B 164 14.44 -10.57 -3.34
N ILE B 165 14.68 -10.44 -4.63
CA ILE B 165 13.78 -11.00 -5.63
C ILE B 165 13.61 -12.51 -5.42
N LEU B 166 14.74 -13.19 -5.32
CA LEU B 166 14.77 -14.64 -5.19
C LEU B 166 14.15 -15.10 -3.86
N GLU B 167 14.44 -14.38 -2.78
CA GLU B 167 13.84 -14.70 -1.47
C GLU B 167 12.31 -14.59 -1.56
N THR B 168 11.82 -13.57 -2.26
CA THR B 168 10.37 -13.34 -2.39
C THR B 168 9.70 -14.48 -3.14
N GLN B 169 10.34 -14.90 -4.24
CA GLN B 169 9.79 -15.99 -5.04
C GLN B 169 9.75 -17.30 -4.26
N ARG B 170 10.85 -17.61 -3.57
CA ARG B 170 10.94 -18.83 -2.76
C ARG B 170 9.86 -18.85 -1.67
N GLU B 171 9.72 -17.73 -0.97
CA GLU B 171 8.73 -17.63 0.10
C GLU B 171 7.33 -17.86 -0.44
N LEU B 172 7.00 -17.19 -1.54
CA LEU B 172 5.69 -17.39 -2.13
C LEU B 172 5.41 -18.82 -2.52
N ARG B 173 6.40 -19.49 -3.11
CA ARG B 173 6.23 -20.90 -3.47
CA ARG B 173 6.22 -20.91 -3.45
C ARG B 173 6.03 -21.78 -2.22
N GLU B 174 6.72 -21.48 -1.14
CA GLU B 174 6.54 -22.26 0.09
C GLU B 174 5.12 -22.16 0.61
N VAL B 175 4.55 -20.98 0.56
CA VAL B 175 3.17 -20.80 1.04
C VAL B 175 2.21 -21.52 0.10
N LEU B 176 2.34 -21.27 -1.19
CA LEU B 176 1.36 -21.75 -2.17
C LEU B 176 1.45 -23.23 -2.48
N ASN B 177 2.66 -23.76 -2.48
CA ASN B 177 2.91 -25.13 -2.88
C ASN B 177 3.05 -26.07 -1.69
N ASP B 178 3.61 -25.57 -0.58
CA ASP B 178 3.85 -26.42 0.59
C ASP B 178 2.89 -26.13 1.75
N GLY B 179 2.16 -25.03 1.67
CA GLY B 179 1.17 -24.68 2.71
C GLY B 179 1.77 -24.09 3.96
N VAL B 180 2.97 -23.54 3.85
CA VAL B 180 3.60 -22.85 4.97
C VAL B 180 2.83 -21.58 5.27
N LYS B 181 2.52 -21.34 6.54
CA LYS B 181 1.90 -20.08 6.93
C LYS B 181 2.92 -18.96 6.71
N PRO B 182 2.49 -17.81 6.15
CA PRO B 182 3.46 -16.73 5.94
C PRO B 182 4.25 -16.35 7.19
N CYS B 183 3.61 -16.30 8.35
CA CYS B 183 4.30 -15.88 9.57
C CYS B 183 5.39 -16.91 10.00
N ASP B 184 5.34 -18.13 9.44
CA ASP B 184 6.32 -19.19 9.73
C ASP B 184 7.52 -19.24 8.76
N LEU B 185 7.52 -18.38 7.74
CA LEU B 185 8.59 -18.39 6.73
C LEU B 185 9.93 -17.91 7.28
N HIS B 186 11.00 -18.50 6.74
CA HIS B 186 12.36 -18.08 7.03
C HIS B 186 12.75 -16.99 6.05
N ALA B 187 13.27 -15.89 6.56
CA ALA B 187 13.74 -14.78 5.75
C ALA B 187 15.16 -14.41 6.15
N GLU B 188 15.96 -13.94 5.18
CA GLU B 188 17.36 -13.57 5.45
C GLU B 188 17.75 -12.16 4.97
N ILE B 189 16.94 -11.55 4.12
CA ILE B 189 17.30 -10.29 3.47
C ILE B 189 16.36 -9.17 3.84
N LEU B 190 15.10 -9.31 3.46
CA LEU B 190 14.15 -8.24 3.70
C LEU B 190 13.80 -8.15 5.19
N PRO B 191 13.42 -6.95 5.67
CA PRO B 191 13.23 -5.71 4.92
C PRO B 191 14.53 -5.04 4.47
N SER B 192 15.62 -5.23 5.21
CA SER B 192 16.90 -4.55 4.92
C SER B 192 18.06 -5.50 5.18
N GLY B 193 18.89 -5.72 4.17
CA GLY B 193 20.03 -6.62 4.32
C GLY B 193 20.96 -6.16 5.42
N GLY B 194 21.03 -4.84 5.62
CA GLY B 194 21.92 -4.25 6.62
C GLY B 194 21.37 -4.13 8.03
N ASP B 195 20.15 -4.60 8.27
CA ASP B 195 19.60 -4.60 9.62
C ASP B 195 19.64 -6.00 10.24
N LYS B 196 19.31 -6.06 11.53
CA LYS B 196 19.52 -7.22 12.37
C LYS B 196 18.47 -8.32 12.19
N LYS B 197 17.22 -7.91 12.03
CA LYS B 197 16.08 -8.86 11.95
C LYS B 197 15.55 -8.88 10.55
N HIS B 198 15.13 -10.05 10.10
CA HIS B 198 14.59 -10.25 8.76
C HIS B 198 13.19 -10.85 8.86
N TYR B 199 12.30 -10.37 8.01
CA TYR B 199 10.90 -10.75 8.04
C TYR B 199 10.44 -11.21 6.67
N PRO B 200 9.47 -12.12 6.62
CA PRO B 200 8.86 -12.48 5.34
C PRO B 200 8.15 -11.31 4.65
N ILE B 201 8.26 -11.31 3.33
CA ILE B 201 7.50 -10.38 2.49
C ILE B 201 6.28 -11.04 1.82
N ALA B 202 6.29 -12.36 1.69
CA ALA B 202 5.20 -13.06 1.03
C ALA B 202 3.90 -12.74 1.74
N PHE B 203 2.90 -12.28 0.99
CA PHE B 203 1.58 -12.00 1.57
C PHE B 203 1.63 -11.00 2.72
N ASN B 204 2.61 -10.09 2.66
CA ASN B 204 2.87 -9.14 3.72
C ASN B 204 3.06 -7.74 3.17
N ALA B 205 3.06 -6.76 4.08
CA ALA B 205 3.42 -5.37 3.74
C ALA B 205 4.33 -4.90 4.85
N LEU B 206 5.60 -4.66 4.52
CA LEU B 206 6.62 -4.31 5.52
C LEU B 206 6.90 -2.81 5.53
N PRO B 207 6.53 -2.09 6.60
CA PRO B 207 6.72 -0.63 6.63
C PRO B 207 8.13 -0.27 7.05
N GLN B 208 9.11 -0.88 6.36
CA GLN B 208 10.51 -0.55 6.58
C GLN B 208 11.29 -0.80 5.30
N ILE B 209 11.91 0.26 4.79
CA ILE B 209 12.87 0.20 3.70
C ILE B 209 14.09 0.98 4.19
N ASP B 210 15.24 0.32 4.06
CA ASP B 210 16.50 0.78 4.66
C ASP B 210 16.41 0.69 6.18
N VAL B 211 17.41 1.22 6.86
CA VAL B 211 17.45 1.19 8.31
C VAL B 211 16.82 2.46 8.90
N PHE B 212 16.52 2.43 10.19
CA PHE B 212 15.92 3.58 10.85
C PHE B 212 16.94 4.65 11.20
N THR B 213 16.53 5.91 11.07
CA THR B 213 17.28 7.05 11.58
C THR B 213 16.79 7.45 12.97
N ASP B 214 17.49 8.38 13.58
CA ASP B 214 17.17 8.82 14.93
C ASP B 214 15.84 9.54 15.09
N ASN B 215 15.20 9.95 13.97
CA ASN B 215 13.91 10.61 14.08
C ASN B 215 12.73 9.64 13.81
N ASP B 216 13.05 8.35 13.73
CA ASP B 216 12.09 7.25 13.56
C ASP B 216 11.48 7.14 12.18
N TYR B 217 11.90 8.02 11.27
CA TYR B 217 11.76 7.75 9.84
C TYR B 217 12.92 6.87 9.39
N THR B 218 12.70 6.05 8.39
CA THR B 218 13.80 5.28 7.82
C THR B 218 14.66 6.15 6.91
N TYR B 219 15.84 5.64 6.60
CA TYR B 219 16.72 6.35 5.67
C TYR B 219 16.03 6.50 4.31
N GLU B 220 15.22 5.53 3.90
CA GLU B 220 14.51 5.67 2.61
C GLU B 220 13.55 6.86 2.62
N GLU B 221 12.77 6.98 3.68
CA GLU B 221 11.86 8.08 3.85
C GLU B 221 12.60 9.41 3.86
N MET B 222 13.71 9.47 4.58
CA MET B 222 14.48 10.69 4.63
C MET B 222 15.19 11.06 3.32
N LYS B 223 15.57 10.03 2.56
CA LYS B 223 16.11 10.26 1.22
C LYS B 223 15.05 10.93 0.37
N MET B 224 13.80 10.45 0.42
CA MET B 224 12.74 11.12 -0.37
C MET B 224 12.61 12.61 0.01
N THR B 225 12.66 12.89 1.31
CA THR B 225 12.53 14.26 1.80
C THR B 225 13.71 15.11 1.32
N LYS B 226 14.92 14.66 1.58
CA LYS B 226 16.10 15.49 1.31
C LYS B 226 16.42 15.60 -0.17
N GLU B 227 16.20 14.50 -0.90
CA GLU B 227 16.50 14.51 -2.35
C GLU B 227 15.50 15.39 -3.11
N THR B 228 14.25 15.38 -2.69
CA THR B 228 13.24 16.24 -3.29
C THR B 228 13.66 17.71 -3.19
N LYS B 229 14.07 18.12 -2.00
CA LYS B 229 14.47 19.50 -1.78
C LYS B 229 15.66 19.90 -2.67
N LYS B 230 16.60 18.99 -2.82
CA LYS B 230 17.79 19.30 -3.61
C LYS B 230 17.49 19.33 -5.11
N ILE B 231 16.73 18.38 -5.60
CA ILE B 231 16.40 18.28 -7.02
C ILE B 231 15.57 19.48 -7.47
N MET B 232 14.57 19.82 -6.68
CA MET B 232 13.69 20.95 -6.98
C MET B 232 14.27 22.29 -6.52
N GLU B 233 15.45 22.25 -5.90
CA GLU B 233 16.18 23.45 -5.46
C GLU B 233 15.31 24.38 -4.60
N ASP B 234 14.64 23.75 -3.63
CA ASP B 234 13.71 24.47 -2.76
C ASP B 234 13.53 23.73 -1.45
N ASP B 235 14.23 24.22 -0.43
CA ASP B 235 14.20 23.62 0.89
C ASP B 235 12.89 23.94 1.61
N SER B 236 12.07 24.83 1.05
CA SER B 236 10.79 25.20 1.67
C SER B 236 9.69 24.16 1.40
N ILE B 237 9.92 23.23 0.48
CA ILE B 237 8.91 22.21 0.20
C ILE B 237 8.94 21.21 1.36
N ALA B 238 7.82 21.11 2.09
CA ALA B 238 7.69 20.14 3.17
C ALA B 238 7.42 18.78 2.57
N VAL B 239 8.19 17.78 2.98
CA VAL B 239 8.03 16.41 2.45
C VAL B 239 8.13 15.41 3.59
N SER B 240 7.09 14.59 3.76
CA SER B 240 7.14 13.48 4.70
C SER B 240 6.63 12.23 4.01
N ALA B 241 7.33 11.12 4.26
CA ALA B 241 7.10 9.87 3.55
C ALA B 241 6.92 8.69 4.50
N THR B 242 6.15 7.71 4.02
CA THR B 242 6.08 6.37 4.59
C THR B 242 6.41 5.40 3.46
N CYS B 243 7.45 4.59 3.65
CA CYS B 243 7.94 3.74 2.57
C CYS B 243 7.71 2.27 2.96
N VAL B 244 6.96 1.57 2.11
CA VAL B 244 6.49 0.22 2.45
C VAL B 244 6.87 -0.74 1.34
N ARG B 245 7.41 -1.91 1.71
CA ARG B 245 7.67 -2.97 0.76
C ARG B 245 6.45 -3.86 0.61
N ILE B 246 6.07 -4.21 -0.61
CA ILE B 246 4.94 -5.09 -0.87
C ILE B 246 5.39 -6.21 -1.81
N PRO B 247 4.57 -7.27 -1.95
CA PRO B 247 4.99 -8.43 -2.78
C PRO B 247 4.80 -8.20 -4.28
N VAL B 248 5.59 -7.26 -4.81
CA VAL B 248 5.65 -6.95 -6.23
C VAL B 248 7.14 -7.14 -6.60
N LEU B 249 7.44 -7.75 -7.75
CA LEU B 249 8.87 -7.96 -8.08
C LEU B 249 9.52 -6.69 -8.61
N SER B 250 8.85 -6.03 -9.56
CA SER B 250 9.34 -4.77 -10.12
C SER B 250 8.18 -3.81 -10.33
N ALA B 251 8.55 -2.54 -10.23
CA ALA B 251 7.77 -1.34 -10.40
C ALA B 251 7.23 -0.86 -9.07
N HIS B 252 7.59 0.37 -8.68
CA HIS B 252 7.11 1.03 -7.49
C HIS B 252 5.88 1.84 -7.80
N SER B 253 4.94 1.81 -6.84
CA SER B 253 3.75 2.65 -6.89
C SER B 253 3.76 3.59 -5.70
N GLU B 254 3.17 4.76 -5.87
CA GLU B 254 3.15 5.77 -4.81
C GLU B 254 1.80 6.48 -4.80
N SER B 255 1.23 6.55 -3.60
CA SER B 255 0.07 7.40 -3.32
C SER B 255 0.60 8.74 -2.84
N VAL B 256 0.43 9.74 -3.73
CA VAL B 256 1.06 11.05 -3.55
C VAL B 256 -0.02 12.08 -3.29
N TYR B 257 0.17 12.83 -2.18
CA TYR B 257 -0.65 13.98 -1.86
C TYR B 257 0.21 15.22 -1.90
N ILE B 258 -0.29 16.25 -2.56
CA ILE B 258 0.39 17.53 -2.57
C ILE B 258 -0.57 18.64 -2.19
N GLU B 259 0.00 19.74 -1.72
CA GLU B 259 -0.69 21.02 -1.71
C GLU B 259 0.15 21.98 -2.52
N THR B 260 -0.49 22.60 -3.51
CA THR B 260 0.17 23.56 -4.38
C THR B 260 0.14 24.96 -3.71
N LYS B 261 0.84 25.92 -4.31
CA LYS B 261 0.81 27.31 -3.81
C LYS B 261 -0.40 28.06 -4.33
N GLU B 262 -0.83 27.74 -5.55
CA GLU B 262 -2.02 28.32 -6.13
C GLU B 262 -2.94 27.19 -6.49
N VAL B 263 -4.25 27.42 -6.46
CA VAL B 263 -5.20 26.35 -6.82
C VAL B 263 -4.96 25.94 -8.27
N ALA B 264 -4.81 24.65 -8.47
CA ALA B 264 -4.48 24.08 -9.77
C ALA B 264 -5.67 23.27 -10.28
N PRO B 265 -6.41 23.80 -11.26
CA PRO B 265 -7.56 23.07 -11.79
C PRO B 265 -7.18 21.67 -12.25
N ILE B 266 -7.96 20.67 -11.87
CA ILE B 266 -7.56 19.29 -12.10
C ILE B 266 -7.36 18.98 -13.56
N GLU B 267 -8.22 19.50 -14.45
CA GLU B 267 -8.04 19.18 -15.85
C GLU B 267 -6.72 19.78 -16.39
N GLU B 268 -6.32 20.92 -15.84
CA GLU B 268 -5.06 21.54 -16.21
C GLU B 268 -3.86 20.77 -15.64
N VAL B 269 -4.00 20.25 -14.43
CA VAL B 269 -2.96 19.41 -13.84
C VAL B 269 -2.73 18.16 -14.70
N LYS B 270 -3.82 17.50 -15.08
CA LYS B 270 -3.74 16.35 -15.97
C LYS B 270 -3.03 16.69 -17.28
N ALA B 271 -3.37 17.85 -17.86
CA ALA B 271 -2.75 18.25 -19.13
C ALA B 271 -1.26 18.56 -18.94
N ALA B 272 -0.92 19.21 -17.84
CA ALA B 272 0.49 19.56 -17.56
C ALA B 272 1.35 18.33 -17.37
N ILE B 273 0.83 17.33 -16.70
CA ILE B 273 1.53 16.04 -16.53
C ILE B 273 1.66 15.34 -17.89
N ALA B 274 0.57 15.25 -18.64
CA ALA B 274 0.64 14.63 -19.96
C ALA B 274 1.69 15.32 -20.83
N ALA B 275 1.80 16.64 -20.71
CA ALA B 275 2.76 17.40 -21.51
C ALA B 275 4.22 17.28 -21.12
N PHE B 276 4.48 16.74 -19.94
CA PHE B 276 5.82 16.71 -19.37
C PHE B 276 6.60 15.50 -19.86
N PRO B 277 7.78 15.71 -20.45
CA PRO B 277 8.55 14.57 -20.95
C PRO B 277 8.92 13.57 -19.87
N GLY B 278 8.72 12.30 -20.15
CA GLY B 278 8.97 11.22 -19.18
C GLY B 278 7.77 10.81 -18.34
N ALA B 279 6.75 11.64 -18.35
CA ALA B 279 5.47 11.36 -17.67
C ALA B 279 4.38 11.02 -18.67
N VAL B 280 3.60 9.98 -18.38
CA VAL B 280 2.49 9.56 -19.19
C VAL B 280 1.24 9.59 -18.33
N LEU B 281 0.25 10.34 -18.78
CA LEU B 281 -1.04 10.36 -18.12
C LEU B 281 -1.85 9.13 -18.48
N GLU B 282 -2.25 8.37 -17.44
CA GLU B 282 -3.10 7.22 -17.62
C GLU B 282 -4.21 7.37 -16.61
N ASP B 283 -5.29 8.03 -17.04
CA ASP B 283 -6.31 8.46 -16.06
C ASP B 283 -7.66 8.58 -16.75
N ASP B 284 -8.45 7.52 -16.66
CA ASP B 284 -9.80 7.50 -17.20
C ASP B 284 -10.60 6.53 -16.36
N VAL B 285 -11.08 7.02 -15.23
CA VAL B 285 -11.70 6.13 -14.24
C VAL B 285 -13.00 5.57 -14.76
N ALA B 286 -13.67 6.27 -15.68
CA ALA B 286 -14.88 5.72 -16.31
C ALA B 286 -14.63 4.37 -17.02
N HIS B 287 -13.38 4.13 -17.42
CA HIS B 287 -12.99 2.84 -18.04
C HIS B 287 -11.93 2.14 -17.20
N GLN B 288 -11.87 2.49 -15.90
CA GLN B 288 -10.96 1.83 -14.96
C GLN B 288 -9.51 1.89 -15.43
N ILE B 289 -9.11 3.05 -15.98
CA ILE B 289 -7.74 3.28 -16.43
C ILE B 289 -6.96 4.05 -15.37
N TYR B 290 -5.89 3.43 -14.89
CA TYR B 290 -4.98 4.02 -13.92
C TYR B 290 -3.65 3.27 -14.06
N PRO B 291 -2.56 3.87 -13.58
CA PRO B 291 -1.28 3.16 -13.66
C PRO B 291 -1.29 1.86 -12.83
N GLN B 292 -0.66 0.82 -13.37
CA GLN B 292 -0.47 -0.46 -12.66
C GLN B 292 0.95 -0.96 -12.80
N ALA B 293 1.53 -1.35 -11.67
CA ALA B 293 2.88 -1.92 -11.65
C ALA B 293 3.10 -2.95 -12.74
N ILE B 294 2.20 -3.90 -12.93
CA ILE B 294 2.46 -5.00 -13.87
C ILE B 294 2.57 -4.50 -15.31
N ASN B 295 1.92 -3.38 -15.64
CA ASN B 295 1.97 -2.85 -16.99
C ASN B 295 3.14 -1.92 -17.21
N ALA B 296 3.72 -1.39 -16.13
CA ALA B 296 4.82 -0.43 -16.22
C ALA B 296 6.18 -1.09 -16.39
N VAL B 297 6.28 -2.34 -15.99
CA VAL B 297 7.54 -3.05 -16.07
C VAL B 297 8.07 -3.05 -17.53
N GLY B 298 9.33 -2.68 -17.69
CA GLY B 298 9.97 -2.69 -19.00
C GLY B 298 9.91 -1.37 -19.76
N SER B 299 9.18 -0.40 -19.21
CA SER B 299 9.02 0.94 -19.83
C SER B 299 9.83 1.94 -19.05
N ARG B 300 10.47 2.86 -19.80
CA ARG B 300 11.19 3.99 -19.21
C ARG B 300 10.27 5.13 -18.71
N ASP B 301 9.01 5.11 -19.10
CA ASP B 301 8.08 6.17 -18.72
C ASP B 301 7.61 6.04 -17.24
N THR B 302 7.16 7.16 -16.70
CA THR B 302 6.54 7.23 -15.38
C THR B 302 5.05 7.48 -15.65
N PHE B 303 4.18 6.69 -15.01
CA PHE B 303 2.75 6.73 -15.30
C PHE B 303 1.99 7.34 -14.14
N VAL B 304 1.07 8.26 -14.45
CA VAL B 304 0.37 9.02 -13.42
C VAL B 304 -1.13 8.98 -13.66
N GLY B 305 -1.89 8.68 -12.59
CA GLY B 305 -3.33 8.76 -12.68
C GLY B 305 -3.96 8.86 -11.29
N ARG B 306 -5.23 8.47 -11.22
CA ARG B 306 -6.08 8.72 -10.03
C ARG B 306 -5.99 10.20 -9.56
N ILE B 307 -5.79 11.13 -10.51
CA ILE B 307 -5.61 12.53 -10.13
C ILE B 307 -6.94 13.17 -9.74
N ARG B 308 -7.00 13.72 -8.53
CA ARG B 308 -8.26 14.27 -8.01
C ARG B 308 -8.01 15.26 -6.89
N LYS B 309 -8.92 16.21 -6.75
CA LYS B 309 -8.84 17.18 -5.68
C LYS B 309 -9.05 16.49 -4.34
N ASP B 310 -8.38 16.99 -3.31
CA ASP B 310 -8.72 16.64 -1.95
C ASP B 310 -10.18 17.04 -1.70
N LEU B 311 -10.83 16.29 -0.84
CA LEU B 311 -12.24 16.57 -0.52
C LEU B 311 -12.47 17.86 0.28
N ASP B 312 -11.43 18.38 0.89
CA ASP B 312 -11.56 19.52 1.82
C ASP B 312 -10.53 20.65 1.60
N ALA B 313 -9.28 20.26 1.38
CA ALA B 313 -8.18 21.23 1.24
C ALA B 313 -8.22 21.82 -0.16
N GLU B 314 -8.46 23.12 -0.25
CA GLU B 314 -8.61 23.80 -1.53
C GLU B 314 -7.46 23.53 -2.50
N LYS B 315 -6.24 23.47 -1.97
CA LYS B 315 -5.05 23.33 -2.81
C LYS B 315 -4.48 21.93 -2.81
N GLY B 316 -5.21 20.98 -2.20
CA GLY B 316 -4.76 19.60 -2.13
C GLY B 316 -5.14 18.78 -3.35
N ILE B 317 -4.21 17.92 -3.76
CA ILE B 317 -4.41 17.02 -4.87
C ILE B 317 -3.80 15.65 -4.51
N HIS B 318 -4.51 14.58 -4.87
CA HIS B 318 -4.03 13.24 -4.73
C HIS B 318 -3.78 12.64 -6.10
N MET B 319 -2.82 11.73 -6.16
CA MET B 319 -2.52 10.98 -7.40
C MET B 319 -1.82 9.66 -7.10
N TRP B 320 -1.66 8.87 -8.16
CA TRP B 320 -1.05 7.55 -8.08
C TRP B 320 0.03 7.51 -9.19
N VAL B 321 1.25 7.21 -8.77
CA VAL B 321 2.44 7.30 -9.65
C VAL B 321 3.16 5.97 -9.67
N VAL B 322 3.42 5.44 -10.87
CA VAL B 322 4.03 4.11 -11.01
C VAL B 322 5.19 4.18 -12.02
N SER B 323 6.33 3.57 -11.69
CA SER B 323 7.39 3.39 -12.68
C SER B 323 8.24 2.19 -12.34
N ASP B 324 8.86 1.61 -13.36
CA ASP B 324 9.81 0.53 -13.20
C ASP B 324 11.01 1.05 -12.38
N ASN B 325 11.18 0.52 -11.18
CA ASN B 325 12.19 1.03 -10.27
C ASN B 325 13.61 0.73 -10.70
N LEU B 326 13.76 -0.27 -11.56
CA LEU B 326 15.09 -0.57 -12.10
C LEU B 326 15.44 0.23 -13.37
N LEU B 327 14.43 0.80 -14.02
CA LEU B 327 14.64 1.57 -15.24
C LEU B 327 14.67 3.05 -14.87
N LYS B 328 13.54 3.76 -14.92
CA LYS B 328 13.60 5.18 -14.54
C LYS B 328 14.10 5.35 -13.13
N GLY B 329 13.80 4.37 -12.25
CA GLY B 329 14.26 4.47 -10.87
C GLY B 329 15.75 4.23 -10.64
N ALA B 330 16.46 3.75 -11.67
CA ALA B 330 17.88 3.44 -11.51
C ALA B 330 18.67 3.45 -12.83
N ALA B 331 18.63 2.33 -13.56
CA ALA B 331 19.51 2.13 -14.72
C ALA B 331 19.20 3.11 -15.85
N TRP B 332 17.92 3.34 -16.15
CA TRP B 332 17.59 4.29 -17.20
C TRP B 332 17.91 5.72 -16.75
N ASN B 333 17.61 6.14 -15.54
CA ASN B 333 17.99 7.48 -15.15
C ASN B 333 19.50 7.67 -15.28
N SER B 334 20.27 6.67 -14.91
CA SER B 334 21.73 6.74 -14.99
C SER B 334 22.21 6.83 -16.43
N VAL B 335 21.68 5.96 -17.29
CA VAL B 335 22.09 6.00 -18.70
C VAL B 335 21.64 7.30 -19.37
N GLN B 336 20.46 7.79 -19.01
CA GLN B 336 19.96 9.06 -19.49
C GLN B 336 20.88 10.21 -19.06
N ILE B 337 21.37 10.18 -17.83
CA ILE B 337 22.40 11.12 -17.39
C ILE B 337 23.62 11.03 -18.31
N ALA B 338 24.10 9.83 -18.54
CA ALA B 338 25.29 9.63 -19.41
C ALA B 338 25.07 10.18 -20.80
N GLU B 339 23.90 9.92 -21.37
CA GLU B 339 23.55 10.47 -22.68
C GLU B 339 23.50 11.99 -22.67
N THR B 340 22.99 12.57 -21.59
CA THR B 340 22.89 14.02 -21.47
C THR B 340 24.30 14.65 -21.35
N LEU B 341 25.18 14.00 -20.61
CA LEU B 341 26.57 14.45 -20.50
C LEU B 341 27.22 14.43 -21.88
N HIS B 342 26.99 13.37 -22.64
CA HIS B 342 27.57 13.28 -24.01
C HIS B 342 27.01 14.38 -24.87
N GLU B 343 25.69 14.52 -24.89
CA GLU B 343 25.00 15.51 -25.72
C GLU B 343 25.38 16.95 -25.43
N ARG B 344 25.78 17.21 -24.18
CA ARG B 344 26.08 18.55 -23.76
C ARG B 344 27.56 18.79 -23.57
N GLY B 345 28.39 17.86 -24.05
CA GLY B 345 29.84 18.12 -24.08
C GLY B 345 30.48 18.10 -22.71
N LEU B 346 29.88 17.35 -21.77
CA LEU B 346 30.32 17.38 -20.39
C LEU B 346 31.13 16.14 -19.97
N VAL B 347 31.49 15.28 -20.93
CA VAL B 347 32.31 14.13 -20.57
C VAL B 347 33.78 14.51 -20.71
N ARG B 348 34.33 15.04 -19.62
CA ARG B 348 35.66 15.64 -19.61
C ARG B 348 36.26 15.72 -18.20
#